data_4KP8
#
_entry.id   4KP8
#
_cell.length_a   46.817
_cell.length_b   67.258
_cell.length_c   81.190
_cell.angle_alpha   81.88
_cell.angle_beta   83.99
_cell.angle_gamma   86.51
#
_symmetry.space_group_name_H-M   'P 1'
#
loop_
_entity.id
_entity.type
_entity.pdbx_description
1 polymer 'Carbonic anhydrase 12'
2 non-polymer 'ZINC ION'
3 non-polymer 3-[(pyrimidin-2-ylsulfanyl)acetyl]benzenesulfonamide
4 non-polymer 'DIMETHYL SULFOXIDE'
5 non-polymer DI(HYDROXYETHYL)ETHER
6 non-polymer 1,2-ETHANEDIOL
7 water water
#
_entity_poly.entity_id   1
_entity_poly.type   'polypeptide(L)'
_entity_poly.pdbx_seq_one_letter_code
;MSKWTYFGPDGENSWSKKYPSCGGLLQSPIDLHSDILQYDASLTPLEFQGYNLSANKQFLLTNNGHSVKLNLPSDMHIQG
LQSRYSATQLHLHWGNPNDPHGSEHTVSGQHFAAELHIVHYNSDLYPDASTASNKSEGLAVLAVLIEMGSFNPSYDKIFS
HLQHVKYKGQEAFVPGFNIEELLPERTAEYYRYRGSLTTPPCNPTVLWTVFRNPVQISQEQLLALETALYCTHMDDPSPR
EMINNFRQVQKFDERLVYTSFSQ
;
_entity_poly.pdbx_strand_id   A,B,C,D
#
# COMPACT_ATOMS: atom_id res chain seq x y z
N LYS A 3 -0.87 16.36 18.05
CA LYS A 3 0.05 15.48 18.82
C LYS A 3 1.20 15.07 17.90
N TRP A 4 2.23 14.50 18.50
CA TRP A 4 3.34 14.06 17.70
C TRP A 4 3.92 12.81 18.39
N THR A 5 4.58 11.97 17.61
CA THR A 5 5.22 10.75 18.08
C THR A 5 6.57 10.59 17.40
N TYR A 6 7.22 9.45 17.65
CA TYR A 6 8.41 9.03 16.89
C TYR A 6 8.12 7.87 15.92
N PHE A 7 6.87 7.52 15.69
CA PHE A 7 6.60 6.31 14.91
C PHE A 7 5.26 6.44 14.25
N GLY A 8 5.19 6.20 12.93
CA GLY A 8 3.87 6.22 12.22
C GLY A 8 3.48 7.60 11.66
N PRO A 9 2.18 7.85 11.35
CA PRO A 9 1.76 9.07 10.63
C PRO A 9 2.17 10.33 11.34
N ASP A 10 2.36 10.28 12.65
CA ASP A 10 2.73 11.51 13.39
C ASP A 10 4.20 11.64 13.78
N GLY A 11 5.04 10.73 13.27
CA GLY A 11 6.50 10.71 13.54
C GLY A 11 7.26 11.82 12.81
N GLU A 12 8.58 11.72 12.88
CA GLU A 12 9.40 12.87 12.62
C GLU A 12 9.34 13.46 11.20
N ASN A 13 9.03 12.67 10.17
CA ASN A 13 8.92 13.27 8.82
C ASN A 13 7.71 14.19 8.60
N SER A 14 6.74 14.07 9.50
CA SER A 14 5.49 14.84 9.51
C SER A 14 5.42 15.90 10.62
N TRP A 15 6.46 16.04 11.46
CA TRP A 15 6.48 17.15 12.47
C TRP A 15 6.26 18.54 11.85
N SER A 16 6.88 18.77 10.70
CA SER A 16 6.82 20.06 9.98
C SER A 16 5.43 20.52 9.66
N LYS A 17 4.47 19.58 9.48
CA LYS A 17 3.09 19.92 9.23
C LYS A 17 2.42 20.68 10.40
N LYS A 18 2.62 20.25 11.62
CA LYS A 18 2.02 21.00 12.75
C LYS A 18 2.97 21.96 13.40
N TYR A 19 4.26 21.84 13.12
CA TYR A 19 5.27 22.59 13.88
C TYR A 19 6.27 23.08 12.85
N PRO A 20 6.04 24.26 12.31
CA PRO A 20 6.75 24.60 11.09
C PRO A 20 8.25 24.80 11.29
N SER A 21 8.70 25.11 12.53
CA SER A 21 10.17 25.22 12.75
C SER A 21 10.90 23.87 12.56
N CYS A 22 10.17 22.74 12.63
CA CYS A 22 10.82 21.44 12.45
C CYS A 22 11.34 21.25 11.02
N GLY A 23 10.79 22.07 10.09
CA GLY A 23 11.24 22.09 8.67
C GLY A 23 12.20 23.25 8.38
N GLY A 24 12.59 23.98 9.41
CA GLY A 24 13.34 25.22 9.16
C GLY A 24 14.82 25.07 9.39
N LEU A 25 15.50 26.17 9.60
CA LEU A 25 16.93 26.13 9.69
C LEU A 25 17.43 25.72 11.08
N LEU A 26 18.75 25.52 11.14
CA LEU A 26 19.49 25.23 12.43
C LEU A 26 19.00 23.98 13.25
N GLN A 27 18.59 22.90 12.56
CA GLN A 27 17.94 21.82 13.31
C GLN A 27 18.95 20.90 13.93
N SER A 28 18.60 20.37 15.08
CA SER A 28 19.39 19.31 15.78
C SER A 28 18.56 18.00 15.91
N PRO A 29 19.20 16.82 16.20
CA PRO A 29 20.65 16.59 16.45
C PRO A 29 21.44 16.42 15.17
N ILE A 30 22.76 16.25 15.29
CA ILE A 30 23.67 16.14 14.13
C ILE A 30 24.70 15.04 14.38
N ASP A 31 25.40 14.66 13.28
CA ASP A 31 26.50 13.75 13.40
C ASP A 31 27.80 14.57 13.54
N LEU A 32 28.56 14.28 14.60
CA LEU A 32 29.74 15.08 14.96
C LEU A 32 30.93 14.33 14.33
N HIS A 33 31.48 14.88 13.25
CA HIS A 33 32.47 14.15 12.46
C HIS A 33 33.50 15.12 11.92
N SER A 34 34.69 14.62 11.63
CA SER A 34 35.87 15.50 11.46
C SER A 34 35.72 16.66 10.45
N ASP A 35 35.02 16.41 9.33
CA ASP A 35 34.88 17.40 8.27
C ASP A 35 34.22 18.67 8.75
N ILE A 36 33.39 18.58 9.79
CA ILE A 36 32.69 19.76 10.27
C ILE A 36 33.09 20.26 11.69
N LEU A 37 34.19 19.71 12.22
CA LEU A 37 34.74 20.11 13.55
C LEU A 37 35.93 21.06 13.41
N GLN A 38 35.97 22.08 14.27
CA GLN A 38 37.17 22.97 14.37
C GLN A 38 37.44 23.35 15.81
N TYR A 39 38.72 23.23 16.20
CA TYR A 39 39.12 23.60 17.57
C TYR A 39 39.00 25.09 17.80
N ASP A 40 38.38 25.42 18.94
CA ASP A 40 38.27 26.84 19.36
C ASP A 40 38.84 27.02 20.75
N ALA A 41 40.07 27.54 20.83
CA ALA A 41 40.79 27.66 22.12
C ALA A 41 40.13 28.64 23.10
N SER A 42 39.25 29.50 22.62
CA SER A 42 38.58 30.43 23.53
C SER A 42 37.46 29.73 24.37
N LEU A 43 37.13 28.48 24.01
CA LEU A 43 36.06 27.71 24.74
C LEU A 43 36.55 27.22 26.14
N THR A 44 36.00 27.82 27.17
CA THR A 44 36.50 27.69 28.54
C THR A 44 35.58 26.72 29.27
N PRO A 45 36.03 26.19 30.43
CA PRO A 45 35.16 25.29 31.17
C PRO A 45 33.88 25.97 31.65
N LEU A 46 32.74 25.31 31.49
CA LEU A 46 31.54 25.78 32.18
C LEU A 46 31.69 25.60 33.70
N GLU A 47 31.04 26.47 34.47
CA GLU A 47 30.96 26.24 35.91
C GLU A 47 29.52 25.92 36.25
N PHE A 48 29.35 24.82 36.99
CA PHE A 48 28.07 24.26 37.38
C PHE A 48 27.72 24.65 38.84
N GLN A 49 26.73 25.54 39.02
CA GLN A 49 26.49 26.13 40.32
C GLN A 49 25.11 25.70 40.79
N GLY A 50 25.00 25.41 42.09
CA GLY A 50 23.71 24.88 42.61
C GLY A 50 23.27 23.52 42.08
N TYR A 51 24.20 22.76 41.45
CA TYR A 51 23.93 21.36 40.95
C TYR A 51 23.80 20.34 42.10
N ASN A 52 24.40 20.64 43.25
CA ASN A 52 24.32 19.79 44.44
C ASN A 52 22.99 19.99 45.15
N LEU A 53 21.94 19.39 44.58
CA LEU A 53 20.58 19.63 45.03
C LEU A 53 20.39 19.19 46.49
N SER A 54 19.65 19.98 47.25
CA SER A 54 19.31 19.64 48.63
C SER A 54 18.69 18.25 48.78
N ALA A 55 19.38 17.33 49.50
CA ALA A 55 18.76 16.03 49.83
C ALA A 55 17.49 16.17 50.71
N ASN A 56 17.31 17.35 51.36
CA ASN A 56 16.07 17.61 52.15
C ASN A 56 14.86 18.18 51.38
N LYS A 57 15.07 18.35 50.06
CA LYS A 57 14.11 18.84 49.06
C LYS A 57 13.76 17.69 48.12
N GLN A 58 12.55 17.67 47.59
CA GLN A 58 12.16 16.74 46.54
C GLN A 58 11.84 17.42 45.18
N PHE A 59 12.12 16.68 44.10
CA PHE A 59 12.01 17.14 42.75
C PHE A 59 11.08 16.22 41.95
N LEU A 60 10.18 16.80 41.20
CA LEU A 60 9.14 16.08 40.48
C LEU A 60 9.66 15.38 39.20
N LEU A 61 9.48 14.07 39.17
CA LEU A 61 9.73 13.26 37.97
C LEU A 61 8.42 12.89 37.28
N THR A 62 8.34 13.04 35.95
CA THR A 62 7.09 13.00 35.19
C THR A 62 7.25 12.24 33.87
N ASN A 63 6.32 11.30 33.61
CA ASN A 63 6.17 10.68 32.30
C ASN A 63 5.25 11.65 31.52
N ASN A 64 5.78 12.37 30.53
CA ASN A 64 4.97 13.37 29.82
C ASN A 64 4.46 12.80 28.49
N GLY A 65 4.65 11.49 28.29
CA GLY A 65 4.16 10.81 27.07
C GLY A 65 5.18 10.76 25.94
N HIS A 66 6.28 11.52 26.08
CA HIS A 66 7.36 11.52 25.11
C HIS A 66 8.74 11.16 25.68
N SER A 67 8.92 11.38 26.99
CA SER A 67 10.18 11.07 27.72
C SER A 67 9.88 11.00 29.23
N VAL A 68 10.89 10.75 30.07
CA VAL A 68 10.74 10.85 31.53
C VAL A 68 11.53 12.08 31.94
N LYS A 69 10.86 13.02 32.63
CA LYS A 69 11.44 14.35 32.86
C LYS A 69 11.58 14.69 34.36
N LEU A 70 12.72 15.22 34.77
CA LEU A 70 12.84 15.63 36.17
C LEU A 70 12.89 17.16 36.26
N ASN A 71 11.97 17.78 37.00
CA ASN A 71 11.99 19.24 37.11
C ASN A 71 13.24 19.68 37.92
N LEU A 72 13.86 20.80 37.57
CA LEU A 72 15.08 21.28 38.26
C LEU A 72 14.81 22.73 38.71
N PRO A 73 15.51 23.20 39.78
CA PRO A 73 15.24 24.53 40.34
C PRO A 73 15.97 25.63 39.65
N SER A 74 15.38 26.82 39.71
CA SER A 74 16.02 27.97 39.04
C SER A 74 17.33 28.42 39.69
N ASP A 75 17.65 27.98 40.91
CA ASP A 75 18.98 28.36 41.50
C ASP A 75 20.14 27.52 40.97
N MET A 76 19.83 26.45 40.24
CA MET A 76 20.83 25.69 39.53
C MET A 76 21.16 26.46 38.23
N HIS A 77 22.42 26.67 37.89
CA HIS A 77 22.72 27.38 36.64
C HIS A 77 24.08 27.11 36.09
N ILE A 78 24.28 27.47 34.82
CA ILE A 78 25.60 27.48 34.19
C ILE A 78 26.17 28.87 34.15
N GLN A 79 27.41 29.01 34.55
CA GLN A 79 28.09 30.23 34.28
C GLN A 79 29.25 29.99 33.33
N GLY A 80 29.55 31.05 32.59
CA GLY A 80 30.63 31.05 31.60
C GLY A 80 30.19 31.46 30.19
N LEU A 81 28.90 31.48 29.92
CA LEU A 81 28.37 32.00 28.65
C LEU A 81 28.08 33.51 28.78
N GLN A 82 27.66 34.21 27.70
CA GLN A 82 27.49 35.69 27.75
C GLN A 82 26.51 36.09 28.86
N SER A 83 25.43 35.31 28.97
CA SER A 83 24.43 35.45 30.04
C SER A 83 24.47 34.19 30.91
N ARG A 84 23.91 34.33 32.12
CA ARG A 84 23.61 33.20 32.99
C ARG A 84 22.43 32.43 32.46
N TYR A 85 22.52 31.10 32.50
CA TYR A 85 21.40 30.24 32.08
C TYR A 85 20.97 29.41 33.27
N SER A 86 19.69 29.44 33.60
CA SER A 86 19.17 28.70 34.75
C SER A 86 18.46 27.41 34.35
N ALA A 87 18.67 26.36 35.15
CA ALA A 87 18.12 24.99 34.86
C ALA A 87 16.63 25.01 34.85
N THR A 88 16.02 24.20 33.99
CA THR A 88 14.58 24.01 34.03
C THR A 88 14.12 22.55 34.19
N GLN A 89 14.83 21.63 33.52
CA GLN A 89 14.45 20.22 33.63
C GLN A 89 15.54 19.37 33.01
N LEU A 90 15.53 18.07 33.27
CA LEU A 90 16.39 17.13 32.48
C LEU A 90 15.49 15.97 32.03
N HIS A 91 15.94 15.22 31.03
CA HIS A 91 15.17 14.10 30.50
C HIS A 91 16.12 13.30 29.61
N LEU A 92 15.63 12.18 29.08
CA LEU A 92 16.43 11.25 28.28
C LEU A 92 15.79 10.82 26.93
N HIS A 93 16.58 10.16 26.10
CA HIS A 93 16.24 9.65 24.76
C HIS A 93 16.91 8.31 24.64
N TRP A 94 16.20 7.28 24.19
CA TRP A 94 16.77 5.94 24.05
C TRP A 94 16.19 5.15 22.89
N GLY A 95 16.73 3.94 22.67
CA GLY A 95 16.33 3.05 21.59
C GLY A 95 15.39 1.95 22.07
N ASN A 96 15.75 0.69 21.86
CA ASN A 96 14.86 -0.42 22.25
C ASN A 96 15.71 -1.66 22.42
N PRO A 97 15.19 -2.71 23.06
CA PRO A 97 16.09 -3.85 23.34
C PRO A 97 16.68 -4.62 22.12
N ASN A 98 15.99 -4.64 21.00
CA ASN A 98 16.50 -5.27 19.78
C ASN A 98 17.51 -4.40 19.04
N ASP A 99 17.55 -3.09 19.33
CA ASP A 99 18.56 -2.21 18.72
C ASP A 99 18.90 -1.10 19.71
N PRO A 100 19.78 -1.41 20.70
CA PRO A 100 19.93 -0.54 21.86
C PRO A 100 20.87 0.65 21.65
N HIS A 101 20.54 1.46 20.63
CA HIS A 101 21.36 2.55 20.12
C HIS A 101 20.53 3.77 19.82
N GLY A 102 20.07 4.44 20.87
CA GLY A 102 19.15 5.57 20.81
C GLY A 102 19.60 6.95 21.31
N SER A 103 20.91 7.26 21.21
CA SER A 103 21.32 8.66 21.37
C SER A 103 20.76 9.54 20.25
N GLU A 104 20.80 10.86 20.47
CA GLU A 104 20.35 11.79 19.44
C GLU A 104 21.57 12.21 18.58
N HIS A 105 22.58 12.74 19.26
CA HIS A 105 23.81 13.06 18.56
C HIS A 105 24.59 11.75 18.32
N THR A 106 25.41 11.71 17.26
CA THR A 106 26.23 10.56 16.94
C THR A 106 27.65 11.13 16.74
N VAL A 107 28.65 10.29 16.86
CA VAL A 107 30.06 10.78 16.73
C VAL A 107 30.69 9.86 15.72
N SER A 108 31.21 10.44 14.63
CA SER A 108 31.78 9.68 13.51
C SER A 108 30.81 8.56 13.11
N GLY A 109 29.53 8.92 13.10
CA GLY A 109 28.49 7.99 12.66
C GLY A 109 28.01 6.96 13.68
N GLN A 110 28.71 6.91 14.84
N GLN A 110 28.67 6.88 14.83
CA GLN A 110 28.37 6.07 16.05
CA GLN A 110 28.25 5.93 15.86
C GLN A 110 27.17 6.56 16.87
C GLN A 110 27.20 6.51 16.80
N HIS A 111 26.10 5.77 16.93
CA HIS A 111 25.04 6.04 17.92
C HIS A 111 25.36 5.47 19.25
N PHE A 112 25.27 6.23 20.34
CA PHE A 112 25.44 5.64 21.67
C PHE A 112 24.07 5.08 22.10
N ALA A 113 24.07 4.42 23.25
CA ALA A 113 22.90 3.71 23.79
C ALA A 113 21.75 4.68 24.10
N ALA A 114 22.08 5.86 24.64
CA ALA A 114 21.11 6.82 25.15
C ALA A 114 21.80 8.19 25.30
N GLU A 115 21.03 9.19 25.72
CA GLU A 115 21.51 10.60 25.80
C GLU A 115 20.68 11.32 26.85
N LEU A 116 21.37 12.04 27.72
CA LEU A 116 20.72 12.85 28.78
C LEU A 116 20.80 14.29 28.30
N HIS A 117 19.71 15.03 28.47
CA HIS A 117 19.73 16.48 28.25
C HIS A 117 19.35 17.28 29.48
N ILE A 118 20.17 18.26 29.81
CA ILE A 118 19.93 19.14 30.97
C ILE A 118 19.66 20.54 30.37
N VAL A 119 18.42 20.96 30.50
CA VAL A 119 17.89 22.11 29.73
C VAL A 119 17.91 23.34 30.63
N HIS A 120 18.52 24.43 30.12
CA HIS A 120 18.61 25.74 30.79
C HIS A 120 18.06 26.86 29.91
N TYR A 121 17.58 27.94 30.53
CA TYR A 121 17.10 29.12 29.81
C TYR A 121 17.91 30.36 30.24
N ASN A 122 17.96 31.33 29.34
CA ASN A 122 18.67 32.59 29.61
C ASN A 122 17.85 33.49 30.56
N SER A 123 18.19 33.43 31.82
CA SER A 123 17.36 34.05 32.87
C SER A 123 17.77 35.50 33.14
N ASP A 124 18.94 35.89 32.62
CA ASP A 124 19.32 37.31 32.61
C ASP A 124 18.37 38.09 31.65
N LEU A 125 17.99 37.49 30.52
CA LEU A 125 17.25 38.20 29.48
C LEU A 125 15.76 37.90 29.56
N TYR A 126 15.37 36.73 30.04
CA TYR A 126 13.95 36.39 30.01
C TYR A 126 13.37 35.95 31.35
N PRO A 127 12.05 36.13 31.54
CA PRO A 127 11.32 35.76 32.78
C PRO A 127 11.39 34.27 33.19
N ASP A 128 11.13 33.35 32.25
CA ASP A 128 11.02 31.92 32.54
C ASP A 128 11.37 31.15 31.24
N ALA A 129 11.41 29.79 31.29
CA ALA A 129 11.78 28.97 30.11
C ALA A 129 10.79 29.11 28.94
N SER A 130 9.49 29.11 29.22
CA SER A 130 8.51 29.14 28.13
C SER A 130 8.54 30.45 27.35
N THR A 131 8.83 31.57 27.98
CA THR A 131 9.10 32.78 27.17
C THR A 131 10.53 32.84 26.57
N ALA A 132 11.53 32.25 27.23
CA ALA A 132 12.87 32.13 26.57
C ALA A 132 12.84 31.22 25.32
N SER A 133 11.93 30.25 25.31
CA SER A 133 11.93 29.16 24.31
C SER A 133 11.99 29.60 22.84
N ASN A 134 11.17 30.57 22.47
CA ASN A 134 11.09 30.94 21.06
C ASN A 134 11.76 32.27 20.75
N LYS A 135 12.81 32.60 21.51
CA LYS A 135 13.53 33.87 21.47
C LYS A 135 15.03 33.59 21.28
N SER A 136 15.73 34.52 20.64
CA SER A 136 17.14 34.35 20.31
C SER A 136 18.10 34.18 21.51
N GLU A 137 19.02 33.21 21.41
CA GLU A 137 19.89 32.70 22.54
C GLU A 137 19.06 32.52 23.86
N GLY A 138 17.86 31.99 23.71
CA GLY A 138 16.98 31.72 24.82
C GLY A 138 17.35 30.46 25.61
N LEU A 139 17.92 29.46 24.93
CA LEU A 139 18.13 28.17 25.57
C LEU A 139 19.54 27.69 25.47
N ALA A 140 20.03 27.03 26.53
CA ALA A 140 21.24 26.22 26.45
C ALA A 140 21.04 24.82 26.99
N VAL A 141 21.54 23.82 26.25
CA VAL A 141 21.34 22.42 26.67
C VAL A 141 22.69 21.70 26.73
N LEU A 142 22.95 21.05 27.87
CA LEU A 142 24.03 20.11 28.06
C LEU A 142 23.64 18.72 27.65
N ALA A 143 24.45 18.08 26.80
CA ALA A 143 24.14 16.69 26.37
C ALA A 143 25.20 15.73 26.90
N VAL A 144 24.75 14.65 27.55
N VAL A 144 24.76 14.62 27.49
CA VAL A 144 25.59 13.53 27.94
CA VAL A 144 25.63 13.56 28.02
C VAL A 144 25.28 12.31 27.10
C VAL A 144 25.36 12.25 27.28
N LEU A 145 26.31 11.82 26.45
CA LEU A 145 26.15 10.56 25.71
C LEU A 145 26.29 9.37 26.65
N ILE A 146 25.37 8.38 26.53
CA ILE A 146 25.36 7.22 27.46
C ILE A 146 25.73 5.93 26.77
N GLU A 147 26.59 5.14 27.36
CA GLU A 147 26.85 3.79 26.73
C GLU A 147 26.63 2.65 27.73
N MET A 148 26.40 1.43 27.22
CA MET A 148 26.15 0.32 28.09
C MET A 148 27.46 -0.21 28.67
N GLY A 149 27.48 -0.44 29.97
CA GLY A 149 28.70 -0.94 30.70
C GLY A 149 28.51 -1.11 32.19
N SER A 150 29.23 -0.33 33.01
CA SER A 150 29.16 -0.41 34.45
C SER A 150 27.89 0.23 34.98
N PHE A 151 27.30 -0.37 36.01
CA PHE A 151 26.22 0.28 36.80
C PHE A 151 26.64 1.68 37.29
N ASN A 152 25.66 2.58 37.33
CA ASN A 152 25.94 3.98 37.63
C ASN A 152 25.01 4.36 38.78
N PRO A 153 25.56 4.46 40.00
CA PRO A 153 24.73 4.84 41.16
C PRO A 153 23.95 6.14 41.03
N SER A 154 24.58 7.19 40.48
CA SER A 154 23.95 8.49 40.31
C SER A 154 22.77 8.45 39.31
N TYR A 155 22.91 7.83 38.13
CA TYR A 155 21.74 7.65 37.21
C TYR A 155 20.62 6.83 37.87
N ASP A 156 20.99 5.92 38.77
CA ASP A 156 20.00 5.07 39.42
C ASP A 156 19.10 5.86 40.40
N LYS A 157 19.59 7.01 40.88
CA LYS A 157 18.77 7.99 41.61
C LYS A 157 17.53 8.38 40.81
N ILE A 158 17.65 8.47 39.49
CA ILE A 158 16.47 8.60 38.61
C ILE A 158 15.81 7.25 38.25
N PHE A 159 16.61 6.29 37.71
CA PHE A 159 16.06 5.03 37.17
C PHE A 159 15.24 4.14 38.16
N SER A 160 15.58 4.19 39.46
CA SER A 160 14.87 3.42 40.48
C SER A 160 13.42 3.81 40.61
N HIS A 161 13.07 5.02 40.17
CA HIS A 161 11.65 5.43 40.01
C HIS A 161 10.85 4.99 38.79
N LEU A 162 11.51 4.40 37.79
CA LEU A 162 10.85 4.22 36.53
C LEU A 162 9.61 3.35 36.60
N GLN A 163 9.63 2.23 37.37
CA GLN A 163 8.45 1.36 37.47
C GLN A 163 7.28 1.98 38.22
N HIS A 164 7.47 3.22 38.70
CA HIS A 164 6.38 3.97 39.39
C HIS A 164 5.92 5.17 38.61
N VAL A 165 6.51 5.38 37.43
CA VAL A 165 5.97 6.36 36.47
C VAL A 165 5.75 5.72 35.06
N LYS A 166 5.11 4.56 35.00
CA LYS A 166 5.06 3.76 33.75
C LYS A 166 4.18 4.35 32.63
N TYR A 167 3.20 5.17 33.00
CA TYR A 167 2.19 5.68 32.05
C TYR A 167 2.15 7.19 32.05
N LYS A 168 1.74 7.74 30.92
CA LYS A 168 1.59 9.19 30.74
C LYS A 168 0.82 9.88 31.85
N GLY A 169 1.40 10.96 32.34
CA GLY A 169 0.75 11.79 33.38
C GLY A 169 1.17 11.45 34.79
N GLN A 170 1.79 10.26 35.02
CA GLN A 170 2.21 9.85 36.36
C GLN A 170 3.46 10.57 36.85
N GLU A 171 3.59 10.72 38.17
CA GLU A 171 4.63 11.53 38.80
C GLU A 171 5.16 10.76 39.95
N ALA A 172 6.43 11.01 40.23
CA ALA A 172 7.10 10.58 41.45
C ALA A 172 7.94 11.74 42.00
N PHE A 173 8.38 11.61 43.25
CA PHE A 173 9.21 12.62 43.93
C PHE A 173 10.57 12.00 44.10
N VAL A 174 11.61 12.75 43.68
CA VAL A 174 12.99 12.37 43.78
C VAL A 174 13.71 13.31 44.72
N PRO A 175 14.28 12.78 45.86
CA PRO A 175 15.10 13.59 46.74
C PRO A 175 16.27 14.15 45.97
N GLY A 176 16.71 15.35 46.35
CA GLY A 176 17.87 15.97 45.68
C GLY A 176 19.12 15.16 45.86
N PHE A 177 19.95 15.16 44.80
CA PHE A 177 21.25 14.54 44.77
C PHE A 177 22.12 15.41 43.86
N ASN A 178 23.41 15.11 43.81
CA ASN A 178 24.35 15.90 43.02
C ASN A 178 24.23 15.63 41.49
N ILE A 179 23.60 16.55 40.77
CA ILE A 179 23.39 16.42 39.30
C ILE A 179 24.74 16.43 38.56
N GLU A 180 25.76 17.04 39.15
CA GLU A 180 27.09 17.00 38.56
C GLU A 180 27.61 15.55 38.44
N GLU A 181 27.02 14.65 39.21
CA GLU A 181 27.44 13.23 39.18
C GLU A 181 26.84 12.51 37.98
N LEU A 182 25.94 13.17 37.23
CA LEU A 182 25.50 12.62 35.89
C LEU A 182 26.43 13.00 34.72
N LEU A 183 27.39 13.91 34.98
CA LEU A 183 28.32 14.41 33.97
C LEU A 183 29.49 13.45 33.87
N PRO A 184 30.07 13.41 32.67
CA PRO A 184 31.17 12.48 32.38
C PRO A 184 32.52 13.04 32.84
N GLU A 185 33.61 12.27 32.66
CA GLU A 185 34.95 12.83 32.98
C GLU A 185 35.35 13.95 32.05
N ARG A 186 36.18 14.84 32.55
N ARG A 186 36.20 14.83 32.53
CA ARG A 186 36.72 15.93 31.76
CA ARG A 186 36.69 15.96 31.73
C ARG A 186 35.62 16.77 31.04
C ARG A 186 35.59 16.77 31.03
N THR A 187 34.71 17.37 31.82
CA THR A 187 33.66 18.28 31.30
C THR A 187 34.18 19.54 30.61
N ALA A 188 35.46 19.83 30.79
CA ALA A 188 36.15 20.90 30.04
C ALA A 188 36.23 20.59 28.52
N GLU A 189 36.25 19.32 28.15
CA GLU A 189 36.21 18.87 26.76
C GLU A 189 34.83 18.66 26.21
N TYR A 190 34.42 19.49 25.24
CA TYR A 190 33.06 19.44 24.66
C TYR A 190 32.97 19.94 23.23
N TYR A 191 31.87 19.57 22.56
CA TYR A 191 31.47 20.13 21.29
C TYR A 191 30.46 21.23 21.54
N ARG A 192 30.56 22.29 20.76
CA ARG A 192 29.69 23.48 20.85
C ARG A 192 29.12 23.93 19.49
N TYR A 193 27.80 24.11 19.40
CA TYR A 193 27.19 24.66 18.20
C TYR A 193 25.82 25.25 18.46
N ARG A 194 25.36 26.06 17.50
CA ARG A 194 24.05 26.59 17.52
C ARG A 194 23.04 25.67 16.83
N GLY A 195 21.99 25.29 17.55
CA GLY A 195 20.95 24.42 16.95
C GLY A 195 19.58 24.64 17.52
N SER A 196 18.82 23.54 17.63
CA SER A 196 17.42 23.63 17.95
C SER A 196 17.05 22.63 19.02
N LEU A 197 15.85 22.82 19.59
CA LEU A 197 15.22 21.73 20.32
C LEU A 197 15.03 20.56 19.34
N THR A 198 15.27 19.33 19.82
CA THR A 198 15.18 18.09 18.96
C THR A 198 13.79 17.49 18.97
N THR A 199 12.88 18.18 19.64
N THR A 199 12.87 18.12 19.73
CA THR A 199 11.50 17.77 19.79
CA THR A 199 11.45 17.72 19.71
C THR A 199 10.60 18.93 19.28
C THR A 199 10.59 18.91 19.29
N PRO A 200 9.39 18.64 18.74
CA PRO A 200 8.51 19.79 18.41
C PRO A 200 8.33 20.68 19.69
N PRO A 201 8.28 22.05 19.56
CA PRO A 201 8.19 22.83 18.31
C PRO A 201 9.51 23.06 17.57
N CYS A 202 10.56 22.31 17.89
CA CYS A 202 11.87 22.44 17.22
C CYS A 202 12.49 23.86 17.15
N ASN A 203 12.30 24.67 18.16
CA ASN A 203 12.74 26.10 18.10
C ASN A 203 14.26 26.20 17.86
N PRO A 204 14.67 27.05 16.89
CA PRO A 204 16.06 27.08 16.52
C PRO A 204 16.82 28.01 17.47
N THR A 205 16.63 27.76 18.77
CA THR A 205 17.05 28.73 19.78
C THR A 205 18.06 28.17 20.82
N VAL A 206 18.72 27.07 20.51
CA VAL A 206 19.53 26.33 21.51
C VAL A 206 20.99 26.49 21.26
N LEU A 207 21.70 26.91 22.30
CA LEU A 207 23.13 26.75 22.27
C LEU A 207 23.46 25.36 22.81
N TRP A 208 24.03 24.49 21.97
CA TRP A 208 24.37 23.11 22.42
C TRP A 208 25.73 22.94 23.01
N THR A 209 25.84 22.18 24.10
CA THR A 209 27.14 21.68 24.60
C THR A 209 27.05 20.16 24.77
N VAL A 210 27.78 19.44 23.92
CA VAL A 210 27.74 17.98 24.00
C VAL A 210 29.06 17.54 24.58
N PHE A 211 29.01 16.90 25.74
CA PHE A 211 30.30 16.46 26.34
C PHE A 211 31.09 15.42 25.52
N ARG A 212 32.41 15.62 25.41
CA ARG A 212 33.22 14.68 24.63
C ARG A 212 33.11 13.18 25.05
N ASN A 213 33.15 12.89 26.36
CA ASN A 213 33.26 11.55 26.90
C ASN A 213 31.88 11.04 27.30
N PRO A 214 31.55 9.79 26.94
CA PRO A 214 30.27 9.20 27.43
C PRO A 214 30.33 8.80 28.93
N VAL A 215 29.17 8.57 29.55
CA VAL A 215 29.14 7.88 30.86
C VAL A 215 28.65 6.44 30.56
N GLN A 216 28.83 5.51 31.52
CA GLN A 216 28.22 4.19 31.40
C GLN A 216 27.07 3.98 32.39
N ILE A 217 26.11 3.19 31.96
CA ILE A 217 25.05 2.62 32.81
C ILE A 217 25.06 1.11 32.55
N SER A 218 24.49 0.28 33.48
CA SER A 218 24.51 -1.16 33.32
C SER A 218 23.47 -1.64 32.30
N GLN A 219 23.66 -2.87 31.84
CA GLN A 219 22.73 -3.53 30.89
C GLN A 219 21.39 -3.55 31.54
N GLU A 220 21.33 -3.73 32.86
CA GLU A 220 20.05 -3.87 33.57
C GLU A 220 19.36 -2.49 33.60
N GLN A 221 20.12 -1.46 33.90
CA GLN A 221 19.59 -0.04 33.91
C GLN A 221 19.10 0.36 32.52
N LEU A 222 19.91 0.10 31.47
CA LEU A 222 19.49 0.44 30.14
C LEU A 222 18.19 -0.31 29.77
N LEU A 223 18.10 -1.59 30.15
CA LEU A 223 16.87 -2.33 29.81
C LEU A 223 15.63 -1.79 30.55
N ALA A 224 15.83 -1.35 31.81
CA ALA A 224 14.74 -0.81 32.61
C ALA A 224 14.26 0.48 31.90
N LEU A 225 15.22 1.29 31.42
CA LEU A 225 14.87 2.54 30.73
C LEU A 225 14.06 2.27 29.46
N GLU A 226 14.45 1.19 28.72
CA GLU A 226 13.86 0.86 27.42
C GLU A 226 12.50 0.15 27.58
N THR A 227 12.22 -0.44 28.74
CA THR A 227 11.04 -1.35 28.89
C THR A 227 10.00 -0.95 29.93
N ALA A 228 10.35 -0.02 30.82
CA ALA A 228 9.43 0.38 31.92
C ALA A 228 8.24 1.20 31.46
N LEU A 229 8.45 2.02 30.43
CA LEU A 229 7.57 3.18 30.18
C LEU A 229 6.71 3.07 28.90
N TYR A 230 5.55 3.72 28.97
CA TYR A 230 4.55 3.79 27.87
C TYR A 230 4.25 5.23 27.57
N CYS A 231 4.00 5.56 26.30
CA CYS A 231 3.52 6.89 25.84
C CYS A 231 2.04 7.17 26.21
N THR A 232 1.33 6.11 26.53
CA THR A 232 -0.11 6.25 26.74
C THR A 232 -0.56 6.19 28.21
N HIS A 233 -1.77 6.70 28.48
CA HIS A 233 -2.36 6.64 29.85
C HIS A 233 -2.56 5.21 30.31
N MET A 234 -2.69 5.03 31.62
N MET A 234 -2.67 5.00 31.61
CA MET A 234 -2.87 3.73 32.30
CA MET A 234 -2.83 3.65 32.15
C MET A 234 -4.16 3.03 31.86
C MET A 234 -4.12 3.02 31.62
N ASP A 235 -5.17 3.82 31.54
CA ASP A 235 -6.50 3.30 31.09
C ASP A 235 -6.56 2.77 29.63
N ASP A 236 -5.58 3.14 28.81
CA ASP A 236 -5.56 2.86 27.37
C ASP A 236 -5.65 1.37 26.99
N PRO A 237 -6.73 0.99 26.27
CA PRO A 237 -6.91 -0.39 25.83
C PRO A 237 -5.79 -0.82 24.86
N SER A 238 -5.12 0.16 24.24
N SER A 238 -5.15 0.16 24.21
CA SER A 238 -4.06 -0.12 23.27
CA SER A 238 -4.06 -0.05 23.26
C SER A 238 -2.79 0.66 23.62
C SER A 238 -2.81 0.72 23.68
N PRO A 239 -1.98 0.10 24.54
CA PRO A 239 -0.78 0.81 24.95
C PRO A 239 0.27 0.94 23.83
N ARG A 240 1.07 2.02 23.88
N ARG A 240 1.09 1.99 23.90
CA ARG A 240 2.20 2.21 22.97
CA ARG A 240 2.18 2.13 22.97
C ARG A 240 3.46 2.31 23.85
C ARG A 240 3.45 2.32 23.83
N GLU A 241 4.47 1.50 23.57
CA GLU A 241 5.73 1.49 24.36
C GLU A 241 6.53 2.76 24.09
N MET A 242 7.17 3.33 25.11
CA MET A 242 8.01 4.47 24.91
C MET A 242 9.41 3.94 24.61
N ILE A 243 9.67 3.80 23.30
CA ILE A 243 10.94 3.30 22.77
C ILE A 243 11.31 4.14 21.55
N ASN A 244 12.59 4.11 21.18
CA ASN A 244 13.02 4.82 19.95
C ASN A 244 12.58 6.31 19.98
N ASN A 245 12.70 6.93 21.18
CA ASN A 245 12.26 8.39 21.30
C ASN A 245 13.43 9.38 21.07
N PHE A 246 14.14 9.19 19.94
CA PHE A 246 15.23 10.04 19.51
C PHE A 246 14.96 10.46 18.03
N ARG A 247 15.43 11.67 17.68
CA ARG A 247 15.29 12.18 16.33
C ARG A 247 16.48 11.70 15.44
N GLN A 248 16.23 11.36 14.16
CA GLN A 248 17.37 11.08 13.23
C GLN A 248 18.31 12.33 13.18
N VAL A 249 19.62 12.15 12.98
CA VAL A 249 20.48 13.32 12.64
C VAL A 249 20.01 14.18 11.44
N GLN A 250 20.35 15.48 11.43
CA GLN A 250 19.80 16.47 10.49
C GLN A 250 20.97 16.81 9.52
N LYS A 251 20.67 17.28 8.30
CA LYS A 251 21.74 17.86 7.44
C LYS A 251 22.45 18.97 8.23
N PHE A 252 23.76 19.14 8.00
CA PHE A 252 24.56 20.20 8.65
C PHE A 252 25.63 20.51 7.63
N ASP A 253 25.32 21.50 6.81
CA ASP A 253 26.09 21.86 5.59
C ASP A 253 26.54 23.31 5.71
N GLU A 254 27.76 23.58 5.23
CA GLU A 254 28.42 24.92 5.31
C GLU A 254 28.40 25.56 6.71
N ARG A 255 28.43 24.70 7.73
N ARG A 255 28.49 24.71 7.73
CA ARG A 255 28.49 25.12 9.14
CA ARG A 255 28.56 25.16 9.13
C ARG A 255 29.66 24.40 9.83
C ARG A 255 29.59 24.32 9.89
N LEU A 256 29.98 24.83 11.05
CA LEU A 256 31.02 24.24 11.86
C LEU A 256 30.57 24.06 13.33
N VAL A 257 31.03 22.96 13.88
CA VAL A 257 30.86 22.66 15.28
C VAL A 257 32.24 22.97 15.83
N TYR A 258 32.27 23.68 16.94
CA TYR A 258 33.62 24.01 17.54
C TYR A 258 33.94 23.11 18.69
N THR A 259 35.20 22.76 18.87
CA THR A 259 35.54 21.85 19.96
C THR A 259 36.44 22.51 20.95
N SER A 260 36.30 22.15 22.22
CA SER A 260 37.23 22.76 23.23
C SER A 260 38.46 21.91 23.50
N PHE A 261 38.57 20.81 22.78
CA PHE A 261 39.70 19.90 22.91
C PHE A 261 40.27 19.89 21.50
N SER A 262 41.54 19.48 21.34
CA SER A 262 42.12 19.50 20.01
C SER A 262 42.15 18.07 19.58
N GLN A 263 42.24 17.83 18.29
CA GLN A 263 42.39 16.47 17.83
C GLN A 263 43.48 16.35 16.74
N TRP B 4 10.27 20.83 -4.75
CA TRP B 4 11.06 20.22 -3.59
C TRP B 4 12.57 20.34 -3.78
N THR B 5 13.35 20.39 -2.69
CA THR B 5 14.81 20.48 -2.74
C THR B 5 15.40 19.64 -1.65
N TYR B 6 16.74 19.71 -1.50
CA TYR B 6 17.45 19.14 -0.31
C TYR B 6 17.97 20.18 0.69
N PHE B 7 17.47 21.40 0.63
CA PHE B 7 18.06 22.41 1.50
C PHE B 7 17.07 23.50 1.64
N GLY B 8 16.83 23.95 2.88
CA GLY B 8 16.02 25.15 3.06
C GLY B 8 14.60 24.68 3.31
N PRO B 9 13.62 25.59 3.07
CA PRO B 9 12.24 25.42 3.48
C PRO B 9 11.50 24.33 2.76
N ASP B 10 11.95 23.95 1.55
CA ASP B 10 11.23 22.90 0.82
C ASP B 10 12.05 21.61 0.82
N GLY B 11 13.02 21.58 1.75
CA GLY B 11 13.90 20.41 2.10
C GLY B 11 13.19 19.20 2.68
N GLU B 12 13.94 18.17 3.04
CA GLU B 12 13.37 16.84 3.22
C GLU B 12 12.39 16.73 4.40
N ASN B 13 12.58 17.52 5.45
CA ASN B 13 11.61 17.46 6.54
C ASN B 13 10.22 18.04 6.11
N SER B 14 10.17 18.75 4.99
CA SER B 14 8.90 19.30 4.46
C SER B 14 8.28 18.50 3.31
N TRP B 15 9.04 17.52 2.81
CA TRP B 15 8.53 16.69 1.69
C TRP B 15 7.13 16.14 1.97
N SER B 16 6.90 15.70 3.20
CA SER B 16 5.54 15.09 3.57
C SER B 16 4.33 16.00 3.38
N LYS B 17 4.58 17.30 3.25
CA LYS B 17 3.47 18.27 3.11
C LYS B 17 2.75 18.08 1.77
N LYS B 18 3.53 17.98 0.68
CA LYS B 18 2.98 17.87 -0.66
C LYS B 18 2.96 16.40 -1.13
N TYR B 19 3.74 15.56 -0.48
CA TYR B 19 3.97 14.17 -0.85
C TYR B 19 3.80 13.31 0.37
N PRO B 20 2.55 12.93 0.70
CA PRO B 20 2.28 12.24 1.97
C PRO B 20 3.12 10.94 2.21
N SER B 21 3.49 10.22 1.14
CA SER B 21 4.23 8.96 1.30
C SER B 21 5.60 9.22 1.86
N CYS B 22 6.09 10.47 1.75
CA CYS B 22 7.43 10.76 2.34
C CYS B 22 7.45 10.70 3.90
N GLY B 23 6.26 10.82 4.49
CA GLY B 23 6.08 10.46 5.91
C GLY B 23 5.28 9.17 6.17
N GLY B 24 5.28 8.23 5.22
CA GLY B 24 4.56 6.93 5.35
C GLY B 24 5.50 5.76 5.64
N LEU B 25 5.12 4.58 5.21
CA LEU B 25 5.77 3.32 5.56
C LEU B 25 6.90 3.05 4.61
N LEU B 26 7.74 2.10 5.02
CA LEU B 26 8.79 1.56 4.20
C LEU B 26 9.76 2.60 3.61
N GLN B 27 10.08 3.68 4.32
CA GLN B 27 11.02 4.66 3.73
C GLN B 27 12.52 4.27 3.64
N SER B 28 13.21 4.69 2.56
CA SER B 28 14.62 4.55 2.37
C SER B 28 15.24 5.95 2.21
N PRO B 29 16.54 6.04 2.36
CA PRO B 29 17.50 4.94 2.64
C PRO B 29 17.58 4.62 4.14
N ILE B 30 18.43 3.65 4.50
CA ILE B 30 18.61 3.23 5.89
C ILE B 30 20.02 3.01 6.21
N ASP B 31 20.30 2.84 7.50
CA ASP B 31 21.69 2.48 7.89
C ASP B 31 21.72 0.97 7.99
N LEU B 32 22.67 0.36 7.26
CA LEU B 32 22.92 -1.11 7.27
C LEU B 32 23.89 -1.45 8.40
N HIS B 33 23.35 -2.02 9.48
CA HIS B 33 24.14 -2.36 10.72
C HIS B 33 23.72 -3.69 11.33
N SER B 34 24.57 -4.26 12.18
CA SER B 34 24.42 -5.68 12.54
C SER B 34 23.07 -6.02 13.21
N ASP B 35 22.52 -5.10 14.00
CA ASP B 35 21.31 -5.38 14.79
C ASP B 35 20.11 -5.67 13.93
N ILE B 36 20.13 -5.18 12.68
CA ILE B 36 18.99 -5.36 11.76
C ILE B 36 19.29 -6.32 10.57
N LEU B 37 20.46 -6.98 10.55
CA LEU B 37 20.82 -7.87 9.41
C LEU B 37 20.49 -9.33 9.74
N GLN B 38 20.08 -10.10 8.71
CA GLN B 38 19.83 -11.55 8.87
C GLN B 38 20.25 -12.28 7.58
N TYR B 39 21.16 -13.25 7.67
CA TYR B 39 21.57 -14.01 6.47
C TYR B 39 20.37 -14.80 5.94
N ASP B 40 20.13 -14.73 4.61
CA ASP B 40 19.10 -15.56 3.96
C ASP B 40 19.80 -16.45 2.91
N ALA B 41 20.00 -17.74 3.22
CA ALA B 41 20.71 -18.62 2.28
C ALA B 41 19.97 -18.83 0.96
N SER B 42 18.67 -18.51 0.91
CA SER B 42 17.92 -18.63 -0.36
C SER B 42 18.14 -17.49 -1.41
N LEU B 43 18.79 -16.40 -1.01
CA LEU B 43 18.95 -15.28 -1.95
C LEU B 43 19.97 -15.68 -3.02
N THR B 44 19.62 -15.67 -4.32
CA THR B 44 20.57 -16.05 -5.41
C THR B 44 21.22 -14.85 -6.12
N PRO B 45 22.40 -15.07 -6.72
CA PRO B 45 23.02 -13.92 -7.33
C PRO B 45 22.20 -13.42 -8.50
N LEU B 46 22.20 -12.11 -8.65
CA LEU B 46 21.57 -11.54 -9.82
C LEU B 46 22.39 -11.82 -11.10
N GLU B 47 21.65 -11.86 -12.20
CA GLU B 47 22.23 -11.93 -13.55
C GLU B 47 21.76 -10.70 -14.30
N PHE B 48 22.73 -10.07 -15.00
CA PHE B 48 22.56 -8.78 -15.67
C PHE B 48 22.59 -9.08 -17.17
N GLN B 49 21.46 -8.84 -17.84
CA GLN B 49 21.27 -9.21 -19.24
C GLN B 49 21.05 -7.94 -20.06
N GLY B 50 21.72 -7.88 -21.21
CA GLY B 50 21.55 -6.77 -22.09
C GLY B 50 22.20 -5.48 -21.57
N TYR B 51 23.10 -5.58 -20.58
CA TYR B 51 23.76 -4.38 -20.01
C TYR B 51 24.87 -3.86 -20.93
N ASN B 52 25.37 -4.70 -21.84
CA ASN B 52 26.42 -4.24 -22.74
C ASN B 52 25.73 -3.52 -23.93
N LEU B 53 25.54 -2.21 -23.76
CA LEU B 53 24.84 -1.42 -24.77
C LEU B 53 25.69 -1.18 -25.98
N SER B 54 25.08 -1.31 -27.17
CA SER B 54 25.80 -1.11 -28.43
C SER B 54 26.42 0.31 -28.54
N ALA B 55 27.72 0.35 -28.88
CA ALA B 55 28.43 1.63 -29.16
C ALA B 55 27.85 2.42 -30.33
N ASN B 56 27.07 1.76 -31.21
CA ASN B 56 26.38 2.44 -32.36
C ASN B 56 25.04 3.02 -31.98
N LYS B 57 24.54 2.63 -30.80
CA LYS B 57 23.36 3.28 -30.25
C LYS B 57 23.75 4.39 -29.29
N GLN B 58 22.82 5.28 -29.02
CA GLN B 58 23.06 6.29 -27.98
C GLN B 58 21.85 6.48 -27.05
N PHE B 59 22.09 7.17 -25.93
CA PHE B 59 21.26 7.08 -24.69
C PHE B 59 21.21 8.46 -24.09
N LEU B 60 20.05 8.87 -23.64
CA LEU B 60 19.84 10.31 -23.38
C LEU B 60 20.28 10.64 -21.94
N LEU B 61 21.22 11.57 -21.78
CA LEU B 61 21.64 12.04 -20.47
C LEU B 61 20.89 13.38 -20.15
N THR B 62 20.27 13.49 -18.97
CA THR B 62 19.37 14.63 -18.61
C THR B 62 19.72 15.13 -17.20
N ASN B 63 19.74 16.44 -17.00
CA ASN B 63 19.75 17.05 -15.66
C ASN B 63 18.30 17.34 -15.37
N ASN B 64 17.73 16.64 -14.37
CA ASN B 64 16.27 16.73 -14.13
C ASN B 64 16.02 17.72 -12.94
N GLY B 65 17.09 18.44 -12.58
CA GLY B 65 16.99 19.41 -11.49
C GLY B 65 17.28 18.84 -10.10
N HIS B 66 17.47 17.52 -10.00
CA HIS B 66 17.66 16.84 -8.72
C HIS B 66 18.81 15.92 -8.73
N SER B 67 19.13 15.40 -9.92
CA SER B 67 20.35 14.57 -10.14
C SER B 67 20.68 14.64 -11.65
N VAL B 68 21.66 13.89 -12.08
CA VAL B 68 21.90 13.67 -13.52
C VAL B 68 21.44 12.22 -13.78
N LYS B 69 20.49 12.04 -14.70
CA LYS B 69 20.05 10.68 -15.13
C LYS B 69 20.50 10.22 -16.52
N LEU B 70 20.73 8.92 -16.69
N LEU B 70 20.69 8.92 -16.72
CA LEU B 70 20.88 8.31 -18.00
CA LEU B 70 20.90 8.36 -18.06
C LEU B 70 19.59 7.48 -18.24
C LEU B 70 19.80 7.34 -18.38
N ASN B 71 18.99 7.61 -19.42
CA ASN B 71 17.85 6.70 -19.81
C ASN B 71 18.39 5.37 -20.27
N LEU B 72 17.73 4.28 -19.92
CA LEU B 72 18.25 2.96 -20.26
C LEU B 72 17.15 2.21 -20.96
N PRO B 73 17.53 1.25 -21.86
CA PRO B 73 16.50 0.62 -22.72
C PRO B 73 15.78 -0.53 -22.02
N SER B 74 14.49 -0.73 -22.31
CA SER B 74 13.75 -1.78 -21.68
C SER B 74 14.23 -3.19 -22.05
N ASP B 75 15.10 -3.33 -23.05
CA ASP B 75 15.81 -4.64 -23.29
C ASP B 75 16.91 -5.04 -22.27
N MET B 76 17.44 -4.09 -21.48
CA MET B 76 18.20 -4.43 -20.28
C MET B 76 17.31 -4.99 -19.17
N HIS B 77 17.68 -6.15 -18.67
CA HIS B 77 16.89 -6.86 -17.63
C HIS B 77 17.75 -7.40 -16.49
N ILE B 78 17.14 -7.65 -15.34
CA ILE B 78 17.83 -8.43 -14.31
C ILE B 78 17.07 -9.74 -14.12
N GLN B 79 17.84 -10.82 -13.98
CA GLN B 79 17.26 -12.08 -13.58
C GLN B 79 17.67 -12.46 -12.17
N GLY B 80 16.79 -13.18 -11.48
CA GLY B 80 17.12 -13.62 -10.13
C GLY B 80 16.15 -13.10 -9.10
N LEU B 81 15.21 -12.25 -9.54
CA LEU B 81 14.07 -11.85 -8.71
C LEU B 81 12.86 -12.65 -9.18
N GLN B 82 11.76 -12.57 -8.45
CA GLN B 82 10.65 -13.44 -8.83
C GLN B 82 10.01 -13.10 -10.18
N SER B 83 9.88 -11.80 -10.51
CA SER B 83 9.38 -11.34 -11.80
C SER B 83 10.59 -10.82 -12.56
N ARG B 84 10.50 -10.77 -13.89
CA ARG B 84 11.56 -10.01 -14.65
C ARG B 84 11.34 -8.50 -14.47
N TYR B 85 12.46 -7.77 -14.25
CA TYR B 85 12.47 -6.32 -14.09
C TYR B 85 13.36 -5.76 -15.24
N SER B 86 12.87 -4.76 -15.98
CA SER B 86 13.63 -4.19 -17.11
C SER B 86 14.12 -2.80 -16.72
N ALA B 87 15.23 -2.40 -17.29
CA ALA B 87 15.79 -1.09 -16.89
C ALA B 87 14.96 0.12 -17.38
N THR B 88 15.10 1.24 -16.64
CA THR B 88 14.53 2.52 -17.08
C THR B 88 15.54 3.70 -17.08
N GLN B 89 16.31 3.85 -16.00
CA GLN B 89 17.32 4.90 -15.93
C GLN B 89 18.36 4.56 -14.86
N LEU B 90 19.48 5.28 -14.91
CA LEU B 90 20.41 5.31 -13.79
C LEU B 90 20.76 6.78 -13.40
N HIS B 91 21.15 6.97 -12.14
CA HIS B 91 21.46 8.32 -11.64
C HIS B 91 22.34 8.26 -10.42
N LEU B 92 22.88 9.41 -9.98
CA LEU B 92 23.77 9.47 -8.82
C LEU B 92 23.31 10.39 -7.65
N HIS B 93 23.80 10.12 -6.47
CA HIS B 93 23.68 11.01 -5.31
C HIS B 93 25.06 11.30 -4.78
N TRP B 94 25.28 12.52 -4.33
CA TRP B 94 26.62 12.90 -3.80
C TRP B 94 26.60 13.97 -2.76
N GLY B 95 27.77 14.33 -2.21
CA GLY B 95 27.83 15.31 -1.10
C GLY B 95 28.31 16.69 -1.57
N ASN B 96 29.41 17.15 -0.97
CA ASN B 96 29.97 18.46 -1.38
C ASN B 96 31.46 18.48 -1.11
N PRO B 97 32.22 19.40 -1.74
CA PRO B 97 33.70 19.35 -1.64
C PRO B 97 34.23 19.48 -0.20
N ASN B 98 33.55 20.23 0.66
CA ASN B 98 33.98 20.30 2.06
C ASN B 98 33.61 19.11 2.94
N ASP B 99 32.71 18.26 2.42
CA ASP B 99 32.19 17.08 3.11
C ASP B 99 31.75 16.02 2.08
N PRO B 100 32.73 15.31 1.48
CA PRO B 100 32.48 14.47 0.30
C PRO B 100 32.05 13.10 0.72
N HIS B 101 30.93 13.08 1.45
CA HIS B 101 30.38 11.87 2.01
C HIS B 101 28.89 11.87 1.79
N GLY B 102 28.47 11.71 0.52
CA GLY B 102 27.06 11.84 0.17
C GLY B 102 26.30 10.64 -0.38
N SER B 103 26.71 9.43 -0.02
CA SER B 103 25.87 8.24 -0.33
C SER B 103 24.56 8.40 0.45
N GLU B 104 23.54 7.69 0.02
CA GLU B 104 22.23 7.61 0.70
C GLU B 104 22.24 6.53 1.78
N HIS B 105 22.49 5.26 1.40
CA HIS B 105 22.67 4.17 2.39
C HIS B 105 23.99 4.33 3.11
N THR B 106 23.98 4.04 4.41
CA THR B 106 25.22 3.97 5.26
C THR B 106 25.44 2.50 5.71
N VAL B 107 26.68 2.17 6.05
CA VAL B 107 27.04 0.82 6.53
C VAL B 107 27.74 1.04 7.89
N SER B 108 27.10 0.53 8.95
CA SER B 108 27.64 0.68 10.32
C SER B 108 27.88 2.17 10.59
N GLY B 109 26.92 3.01 10.14
CA GLY B 109 26.92 4.46 10.41
C GLY B 109 27.80 5.35 9.51
N GLN B 110 28.54 4.70 8.64
CA GLN B 110 29.53 5.37 7.77
C GLN B 110 28.96 5.67 6.37
N HIS B 111 29.10 6.91 5.97
CA HIS B 111 28.66 7.32 4.61
C HIS B 111 29.80 6.95 3.68
N PHE B 112 29.48 6.64 2.44
CA PHE B 112 30.47 6.65 1.36
C PHE B 112 30.42 7.98 0.58
N ALA B 113 31.35 8.15 -0.36
CA ALA B 113 31.48 9.44 -1.07
C ALA B 113 30.26 9.73 -1.88
N ALA B 114 29.65 8.66 -2.44
CA ALA B 114 28.56 8.83 -3.35
C ALA B 114 27.79 7.51 -3.59
N GLU B 115 26.75 7.53 -4.43
CA GLU B 115 25.97 6.29 -4.61
C GLU B 115 25.32 6.30 -6.00
N LEU B 116 25.41 5.16 -6.70
CA LEU B 116 24.76 5.06 -8.04
C LEU B 116 23.49 4.21 -7.84
N HIS B 117 22.40 4.55 -8.55
CA HIS B 117 21.18 3.78 -8.53
C HIS B 117 20.84 3.35 -9.94
N ILE B 118 20.61 2.04 -10.17
CA ILE B 118 20.13 1.52 -11.50
C ILE B 118 18.68 1.06 -11.31
N VAL B 119 17.77 1.83 -11.93
CA VAL B 119 16.34 1.69 -11.67
C VAL B 119 15.73 0.76 -12.74
N HIS B 120 14.87 -0.16 -12.28
CA HIS B 120 14.19 -1.16 -13.12
C HIS B 120 12.73 -1.19 -12.69
N TYR B 121 11.83 -1.59 -13.62
CA TYR B 121 10.44 -1.78 -13.28
C TYR B 121 10.02 -3.19 -13.62
N ASN B 122 8.93 -3.64 -12.99
CA ASN B 122 8.34 -4.98 -13.21
C ASN B 122 7.62 -5.07 -14.58
N SER B 123 8.36 -5.53 -15.57
CA SER B 123 7.87 -5.61 -16.94
C SER B 123 6.93 -6.83 -17.21
N ASP B 124 6.88 -7.77 -16.28
CA ASP B 124 5.89 -8.88 -16.40
C ASP B 124 4.51 -8.38 -16.01
N LEU B 125 4.45 -7.43 -15.07
CA LEU B 125 3.19 -6.88 -14.56
C LEU B 125 2.77 -5.60 -15.24
N TYR B 126 3.74 -4.79 -15.68
CA TYR B 126 3.45 -3.39 -16.02
C TYR B 126 4.10 -3.00 -17.35
N PRO B 127 3.45 -2.09 -18.13
CA PRO B 127 3.95 -1.72 -19.46
C PRO B 127 5.19 -0.80 -19.48
N ASP B 128 5.36 -0.02 -18.43
CA ASP B 128 6.40 1.01 -18.34
C ASP B 128 6.65 1.40 -16.90
N ALA B 129 7.72 2.18 -16.71
CA ALA B 129 8.15 2.60 -15.35
C ALA B 129 7.16 3.54 -14.65
N SER B 130 6.56 4.45 -15.42
N SER B 130 6.58 4.52 -15.38
CA SER B 130 5.63 5.43 -14.90
CA SER B 130 5.66 5.43 -14.73
C SER B 130 4.39 4.78 -14.26
C SER B 130 4.47 4.66 -14.14
N THR B 131 3.88 3.77 -14.94
CA THR B 131 2.71 2.99 -14.50
C THR B 131 3.11 2.14 -13.30
N ALA B 132 4.29 1.52 -13.39
CA ALA B 132 4.82 0.64 -12.32
C ALA B 132 5.15 1.36 -11.00
N SER B 133 5.50 2.64 -11.09
N SER B 133 5.54 2.63 -11.07
CA SER B 133 6.07 3.40 -9.96
CA SER B 133 6.10 3.33 -9.90
C SER B 133 5.21 3.48 -8.69
C SER B 133 5.20 3.39 -8.65
N ASN B 134 3.88 3.44 -8.82
CA ASN B 134 3.00 3.50 -7.65
C ASN B 134 2.12 2.29 -7.51
N LYS B 135 2.62 1.14 -7.94
CA LYS B 135 1.86 -0.09 -7.88
C LYS B 135 2.65 -1.18 -7.20
N SER B 136 1.91 -2.15 -6.65
CA SER B 136 2.53 -3.26 -5.91
C SER B 136 3.61 -3.91 -6.74
N GLU B 137 4.79 -4.09 -6.14
CA GLU B 137 5.90 -4.80 -6.76
C GLU B 137 6.50 -4.02 -7.95
N GLY B 138 6.24 -2.72 -8.01
CA GLY B 138 6.54 -2.06 -9.26
C GLY B 138 7.99 -1.88 -9.64
N LEU B 139 8.85 -1.63 -8.64
CA LEU B 139 10.25 -1.20 -8.94
C LEU B 139 11.35 -2.03 -8.21
N ALA B 140 12.53 -2.10 -8.83
CA ALA B 140 13.70 -2.77 -8.22
C ALA B 140 14.92 -1.91 -8.51
N VAL B 141 15.57 -1.40 -7.48
CA VAL B 141 16.74 -0.55 -7.68
C VAL B 141 17.99 -1.26 -7.26
N LEU B 142 19.08 -1.16 -8.05
CA LEU B 142 20.37 -1.67 -7.61
C LEU B 142 21.16 -0.46 -7.17
N ALA B 143 21.88 -0.57 -6.06
CA ALA B 143 22.64 0.54 -5.47
C ALA B 143 24.10 0.13 -5.34
N VAL B 144 24.98 1.01 -5.82
CA VAL B 144 26.41 0.76 -5.74
C VAL B 144 27.02 1.89 -4.94
N LEU B 145 27.79 1.55 -3.91
CA LEU B 145 28.41 2.56 -2.99
C LEU B 145 29.70 2.93 -3.69
N ILE B 146 30.06 4.23 -3.66
CA ILE B 146 31.27 4.72 -4.36
C ILE B 146 32.21 5.41 -3.35
N GLU B 147 33.47 5.00 -3.30
CA GLU B 147 34.51 5.71 -2.52
C GLU B 147 35.64 6.30 -3.38
N MET B 148 36.43 7.22 -2.79
CA MET B 148 37.65 7.75 -3.47
C MET B 148 38.68 6.66 -3.66
N GLY B 149 39.27 6.58 -4.84
CA GLY B 149 40.32 5.63 -5.11
C GLY B 149 41.01 5.94 -6.39
N SER B 150 41.33 4.89 -7.15
CA SER B 150 41.82 4.95 -8.53
C SER B 150 40.75 5.47 -9.52
N PHE B 151 41.23 6.13 -10.57
CA PHE B 151 40.43 6.59 -11.68
C PHE B 151 39.68 5.44 -12.32
N ASN B 152 38.43 5.69 -12.64
CA ASN B 152 37.56 4.68 -13.15
C ASN B 152 37.09 5.07 -14.58
N PRO B 153 37.64 4.36 -15.59
CA PRO B 153 37.35 4.68 -17.01
C PRO B 153 35.85 4.55 -17.29
N SER B 154 35.21 3.57 -16.66
CA SER B 154 33.77 3.33 -16.91
C SER B 154 32.85 4.41 -16.38
N TYR B 155 33.08 4.83 -15.12
CA TYR B 155 32.30 6.01 -14.65
C TYR B 155 32.63 7.28 -15.46
N ASP B 156 33.85 7.41 -15.99
CA ASP B 156 34.15 8.52 -16.88
C ASP B 156 33.33 8.57 -18.19
N LYS B 157 32.78 7.42 -18.61
CA LYS B 157 31.82 7.36 -19.69
C LYS B 157 30.55 8.18 -19.47
N ILE B 158 30.17 8.36 -18.20
CA ILE B 158 29.14 9.35 -17.81
C ILE B 158 29.72 10.76 -17.53
N PHE B 159 30.76 10.81 -16.68
CA PHE B 159 31.28 12.08 -16.18
C PHE B 159 31.86 13.01 -17.24
N SER B 160 32.43 12.46 -18.30
CA SER B 160 32.97 13.33 -19.34
C SER B 160 31.90 14.18 -20.07
N HIS B 161 30.60 13.90 -19.94
CA HIS B 161 29.56 14.65 -20.64
C HIS B 161 28.93 15.71 -19.78
N LEU B 162 29.40 15.83 -18.52
CA LEU B 162 28.67 16.57 -17.45
C LEU B 162 28.52 18.04 -17.83
N GLN B 163 29.55 18.63 -18.48
CA GLN B 163 29.52 20.07 -18.83
C GLN B 163 28.45 20.42 -19.89
N HIS B 164 27.84 19.42 -20.51
CA HIS B 164 26.70 19.72 -21.43
C HIS B 164 25.36 19.58 -20.84
N VAL B 165 25.31 19.25 -19.56
CA VAL B 165 24.00 19.15 -18.91
C VAL B 165 24.02 19.98 -17.60
N LYS B 166 24.75 21.11 -17.61
CA LYS B 166 24.87 21.90 -16.38
C LYS B 166 23.60 22.43 -15.70
N TYR B 167 22.58 22.73 -16.48
CA TYR B 167 21.36 23.35 -15.90
C TYR B 167 20.18 22.44 -16.07
N LYS B 168 19.17 22.62 -15.20
CA LYS B 168 17.95 21.79 -15.27
C LYS B 168 17.28 21.76 -16.64
N GLY B 169 16.99 20.57 -17.13
CA GLY B 169 16.28 20.44 -18.37
C GLY B 169 17.19 20.16 -19.53
N GLN B 170 18.49 20.49 -19.42
CA GLN B 170 19.42 20.21 -20.49
C GLN B 170 19.69 18.70 -20.72
N GLU B 171 20.02 18.35 -21.98
CA GLU B 171 20.12 16.97 -22.42
C GLU B 171 21.33 16.83 -23.31
N ALA B 172 21.91 15.62 -23.31
CA ALA B 172 22.96 15.26 -24.27
C ALA B 172 22.88 13.77 -24.51
N PHE B 173 23.34 13.27 -25.68
CA PHE B 173 23.41 11.80 -25.86
C PHE B 173 24.76 11.24 -25.49
N VAL B 174 24.72 10.01 -25.01
CA VAL B 174 25.91 9.26 -24.60
C VAL B 174 25.91 7.95 -25.41
N PRO B 175 26.98 7.67 -26.16
CA PRO B 175 27.08 6.40 -26.90
C PRO B 175 27.02 5.20 -25.96
N GLY B 176 26.42 4.12 -26.44
CA GLY B 176 26.36 2.90 -25.67
C GLY B 176 27.70 2.44 -25.14
N PHE B 177 27.66 2.01 -23.87
CA PHE B 177 28.78 1.32 -23.19
C PHE B 177 28.28 0.18 -22.26
N ASN B 178 29.20 -0.60 -21.70
CA ASN B 178 28.83 -1.75 -20.87
C ASN B 178 28.44 -1.28 -19.42
N ILE B 179 27.16 -1.26 -19.12
CA ILE B 179 26.67 -0.79 -17.84
C ILE B 179 27.24 -1.67 -16.70
N GLU B 180 27.56 -2.93 -17.00
CA GLU B 180 28.04 -3.85 -15.96
C GLU B 180 29.41 -3.44 -15.40
N GLU B 181 30.15 -2.63 -16.13
CA GLU B 181 31.41 -2.11 -15.64
C GLU B 181 31.27 -1.11 -14.50
N LEU B 182 30.06 -0.58 -14.30
CA LEU B 182 29.78 0.31 -13.14
C LEU B 182 29.60 -0.45 -11.81
N LEU B 183 29.43 -1.77 -11.92
CA LEU B 183 29.12 -2.62 -10.77
C LEU B 183 30.41 -3.05 -10.10
N PRO B 184 30.35 -3.31 -8.78
CA PRO B 184 31.52 -3.79 -8.11
C PRO B 184 31.85 -5.25 -8.37
N GLU B 185 32.96 -5.62 -7.72
CA GLU B 185 33.32 -7.00 -7.35
C GLU B 185 32.32 -7.86 -6.59
N ARG B 186 32.27 -9.12 -7.02
N ARG B 186 32.32 -9.17 -6.84
CA ARG B 186 31.52 -10.12 -6.32
CA ARG B 186 31.44 -10.08 -6.10
C ARG B 186 30.11 -9.59 -6.01
C ARG B 186 30.06 -9.48 -5.95
N THR B 187 29.38 -9.18 -7.07
CA THR B 187 27.97 -8.75 -6.91
C THR B 187 27.14 -9.76 -6.16
N ALA B 188 27.67 -10.99 -5.94
CA ALA B 188 26.80 -12.00 -5.34
C ALA B 188 26.54 -11.66 -3.87
N GLU B 189 27.42 -10.85 -3.29
CA GLU B 189 27.28 -10.41 -1.88
C GLU B 189 26.52 -9.08 -1.80
N TYR B 190 25.32 -9.10 -1.23
CA TYR B 190 24.46 -7.89 -1.16
C TYR B 190 23.51 -7.88 0.05
N TYR B 191 22.94 -6.71 0.33
CA TYR B 191 21.85 -6.51 1.29
C TYR B 191 20.51 -6.37 0.51
N ARG B 192 19.43 -6.98 0.95
CA ARG B 192 18.19 -6.88 0.24
C ARG B 192 17.08 -6.45 1.22
N TYR B 193 16.24 -5.48 0.86
CA TYR B 193 15.13 -5.08 1.75
C TYR B 193 14.01 -4.35 0.95
N ARG B 194 12.78 -4.36 1.49
CA ARG B 194 11.68 -3.61 0.91
C ARG B 194 11.65 -2.15 1.40
N GLY B 195 11.64 -1.21 0.46
CA GLY B 195 11.65 0.21 0.83
C GLY B 195 10.95 1.06 -0.19
N SER B 196 11.47 2.27 -0.41
CA SER B 196 10.76 3.32 -1.18
C SER B 196 11.66 4.03 -2.16
N LEU B 197 11.05 4.89 -3.01
CA LEU B 197 11.89 5.95 -3.65
C LEU B 197 12.52 6.86 -2.55
N THR B 198 13.78 7.32 -2.75
CA THR B 198 14.40 8.16 -1.76
C THR B 198 14.16 9.68 -2.08
N THR B 199 13.34 9.97 -3.09
CA THR B 199 12.90 11.33 -3.34
C THR B 199 11.40 11.33 -3.49
N PRO B 200 10.77 12.54 -3.43
CA PRO B 200 9.36 12.63 -3.77
C PRO B 200 9.12 12.01 -5.13
N PRO B 201 8.01 11.30 -5.27
CA PRO B 201 6.91 11.10 -4.31
C PRO B 201 7.10 10.02 -3.18
N CYS B 202 8.28 9.36 -3.11
CA CYS B 202 8.68 8.39 -2.00
C CYS B 202 7.74 7.13 -1.94
N ASN B 203 7.18 6.75 -3.08
CA ASN B 203 6.36 5.53 -3.18
C ASN B 203 7.06 4.33 -2.51
N PRO B 204 6.31 3.65 -1.59
CA PRO B 204 6.87 2.50 -0.86
C PRO B 204 6.80 1.27 -1.77
N THR B 205 7.44 1.34 -2.93
CA THR B 205 7.21 0.36 -3.98
C THR B 205 8.48 -0.24 -4.48
N VAL B 206 9.60 -0.03 -3.78
CA VAL B 206 10.91 -0.46 -4.26
C VAL B 206 11.52 -1.68 -3.58
N LEU B 207 12.05 -2.61 -4.37
CA LEU B 207 12.85 -3.72 -3.83
C LEU B 207 14.32 -3.28 -3.99
N TRP B 208 15.01 -3.08 -2.86
CA TRP B 208 16.40 -2.58 -2.87
C TRP B 208 17.40 -3.71 -2.83
N THR B 209 18.43 -3.64 -3.68
CA THR B 209 19.57 -4.51 -3.57
C THR B 209 20.75 -3.54 -3.48
N VAL B 210 21.43 -3.51 -2.34
CA VAL B 210 22.63 -2.70 -2.16
C VAL B 210 23.84 -3.64 -2.15
N PHE B 211 24.78 -3.51 -3.10
CA PHE B 211 25.89 -4.46 -3.15
C PHE B 211 26.83 -4.21 -1.96
N ARG B 212 27.46 -5.27 -1.45
CA ARG B 212 28.28 -5.14 -0.26
C ARG B 212 29.56 -4.37 -0.59
N ASN B 213 30.12 -4.59 -1.77
CA ASN B 213 31.46 -4.03 -2.11
C ASN B 213 31.33 -2.73 -2.91
N PRO B 214 32.13 -1.68 -2.55
CA PRO B 214 32.07 -0.37 -3.18
C PRO B 214 32.96 -0.39 -4.42
N VAL B 215 32.70 0.56 -5.31
CA VAL B 215 33.63 0.84 -6.40
C VAL B 215 34.44 2.05 -6.00
N GLN B 216 35.51 2.29 -6.75
CA GLN B 216 36.40 3.50 -6.60
C GLN B 216 36.34 4.43 -7.81
N ILE B 217 36.27 5.75 -7.54
CA ILE B 217 36.48 6.78 -8.57
C ILE B 217 37.59 7.69 -8.02
N SER B 218 38.37 8.35 -8.89
CA SER B 218 39.40 9.29 -8.37
C SER B 218 38.82 10.52 -7.64
N GLN B 219 39.71 11.20 -6.91
CA GLN B 219 39.35 12.46 -6.27
C GLN B 219 38.93 13.44 -7.28
N GLU B 220 39.56 13.41 -8.47
CA GLU B 220 39.28 14.44 -9.44
C GLU B 220 37.94 14.19 -10.07
N GLN B 221 37.59 12.91 -10.28
CA GLN B 221 36.28 12.52 -10.80
C GLN B 221 35.17 12.89 -9.81
N LEU B 222 35.40 12.60 -8.55
CA LEU B 222 34.43 12.98 -7.51
C LEU B 222 34.23 14.51 -7.42
N LEU B 223 35.35 15.29 -7.45
CA LEU B 223 35.24 16.72 -7.39
C LEU B 223 34.47 17.29 -8.62
N ALA B 224 34.68 16.68 -9.80
CA ALA B 224 33.99 17.03 -11.02
C ALA B 224 32.52 16.85 -10.88
N LEU B 225 32.12 15.72 -10.30
CA LEU B 225 30.71 15.43 -10.13
C LEU B 225 30.06 16.41 -9.13
N GLU B 226 30.74 16.68 -8.03
CA GLU B 226 30.28 17.64 -7.02
C GLU B 226 30.12 19.11 -7.47
N THR B 227 30.82 19.52 -8.53
CA THR B 227 30.92 20.94 -8.92
C THR B 227 30.32 21.26 -10.31
N ALA B 228 29.85 20.24 -11.05
CA ALA B 228 29.42 20.42 -12.48
C ALA B 228 28.04 21.00 -12.67
N LEU B 229 27.13 20.65 -11.74
CA LEU B 229 25.73 20.79 -12.01
C LEU B 229 25.05 21.79 -11.10
N TYR B 230 23.95 22.31 -11.64
CA TYR B 230 22.99 23.21 -10.98
C TYR B 230 21.58 22.63 -10.99
N CYS B 231 20.84 22.81 -9.89
CA CYS B 231 19.41 22.37 -9.82
C CYS B 231 18.43 23.21 -10.64
N THR B 232 18.87 24.40 -11.05
CA THR B 232 18.00 25.44 -11.66
C THR B 232 18.19 25.51 -13.15
N HIS B 233 17.18 26.08 -13.82
CA HIS B 233 17.14 26.27 -15.25
C HIS B 233 18.12 27.37 -15.60
N MET B 234 18.61 27.37 -16.83
CA MET B 234 19.56 28.39 -17.27
C MET B 234 19.09 29.89 -17.17
N ASP B 235 17.81 30.11 -17.04
CA ASP B 235 17.39 31.52 -16.80
C ASP B 235 16.83 31.83 -15.39
N ASP B 236 17.14 30.98 -14.39
CA ASP B 236 16.71 31.20 -13.01
C ASP B 236 17.49 32.34 -12.37
N PRO B 237 16.78 33.38 -11.88
CA PRO B 237 17.45 34.48 -11.20
C PRO B 237 18.11 34.12 -9.84
N SER B 238 17.71 32.99 -9.25
CA SER B 238 18.37 32.48 -8.02
C SER B 238 18.91 31.06 -8.27
N PRO B 239 20.13 30.96 -8.85
CA PRO B 239 20.78 29.66 -9.17
C PRO B 239 21.17 28.90 -7.94
N ARG B 240 21.04 27.58 -7.99
CA ARG B 240 21.45 26.80 -6.84
C ARG B 240 22.27 25.62 -7.35
N GLU B 241 23.45 25.41 -6.75
CA GLU B 241 24.37 24.30 -7.15
C GLU B 241 23.77 22.97 -6.76
N MET B 242 24.05 21.93 -7.55
CA MET B 242 23.56 20.60 -7.26
C MET B 242 24.57 19.89 -6.38
N ILE B 243 24.37 20.05 -5.07
N ILE B 243 24.38 20.03 -5.07
CA ILE B 243 25.20 19.41 -4.04
CA ILE B 243 25.22 19.40 -4.06
C ILE B 243 24.34 18.81 -2.91
C ILE B 243 24.36 18.81 -2.92
N ASN B 244 24.91 17.86 -2.16
CA ASN B 244 24.18 17.19 -1.02
C ASN B 244 22.81 16.67 -1.41
N ASN B 245 22.75 16.11 -2.62
CA ASN B 245 21.45 15.62 -3.18
C ASN B 245 21.16 14.17 -2.70
N PHE B 246 21.29 13.94 -1.39
CA PHE B 246 20.98 12.63 -0.78
C PHE B 246 20.00 12.85 0.44
N ARG B 247 19.08 11.92 0.65
CA ARG B 247 18.23 11.93 1.84
C ARG B 247 18.97 11.42 3.09
N GLN B 248 18.70 12.01 4.27
CA GLN B 248 19.13 11.37 5.57
C GLN B 248 18.58 9.96 5.74
N VAL B 249 19.28 9.11 6.50
CA VAL B 249 18.73 7.77 6.68
C VAL B 249 17.48 7.80 7.55
N GLN B 250 16.62 6.79 7.37
CA GLN B 250 15.27 6.72 7.96
C GLN B 250 15.25 5.78 9.16
N LYS B 251 14.31 5.96 10.09
CA LYS B 251 14.10 4.93 11.10
C LYS B 251 13.76 3.59 10.43
N PHE B 252 14.25 2.52 11.06
CA PHE B 252 14.08 1.14 10.58
C PHE B 252 13.97 0.19 11.74
N ASP B 253 12.72 -0.21 12.02
CA ASP B 253 12.34 -0.75 13.36
C ASP B 253 11.40 -1.93 13.26
N GLU B 254 11.68 -2.98 14.03
CA GLU B 254 10.91 -4.24 14.00
C GLU B 254 10.81 -4.79 12.56
N ARG B 255 11.94 -4.65 11.87
CA ARG B 255 12.06 -5.05 10.47
C ARG B 255 13.48 -5.42 10.21
N LEU B 256 13.67 -6.21 9.15
CA LEU B 256 14.96 -6.79 8.92
C LEU B 256 15.46 -6.59 7.45
N VAL B 257 16.77 -6.52 7.31
CA VAL B 257 17.44 -6.46 6.05
C VAL B 257 18.05 -7.84 5.87
N TYR B 258 17.89 -8.46 4.70
CA TYR B 258 18.44 -9.79 4.52
C TYR B 258 19.77 -9.75 3.74
N THR B 259 20.75 -10.57 4.11
CA THR B 259 22.02 -10.55 3.44
C THR B 259 22.27 -11.85 2.69
N SER B 260 22.99 -11.75 1.58
CA SER B 260 23.33 -12.98 0.82
C SER B 260 24.69 -13.54 1.25
N PHE B 261 25.24 -13.00 2.34
CA PHE B 261 26.57 -13.34 2.82
C PHE B 261 26.43 -13.48 4.33
N SER B 262 27.14 -14.45 4.91
CA SER B 262 26.89 -14.75 6.33
C SER B 262 28.06 -14.24 7.11
N LYS C 3 -41.41 -7.73 -3.36
CA LYS C 3 -40.35 -7.48 -2.39
C LYS C 3 -39.05 -8.10 -2.91
N TRP C 4 -37.95 -7.39 -2.72
CA TRP C 4 -36.71 -7.84 -3.33
C TRP C 4 -36.14 -9.00 -2.51
N THR C 5 -35.28 -9.80 -3.15
CA THR C 5 -34.72 -11.06 -2.62
C THR C 5 -33.31 -11.23 -3.19
N TYR C 6 -32.57 -12.24 -2.72
CA TYR C 6 -31.33 -12.62 -3.35
C TYR C 6 -31.40 -13.80 -4.32
N PHE C 7 -32.61 -14.29 -4.63
CA PHE C 7 -32.69 -15.51 -5.40
C PHE C 7 -34.01 -15.54 -6.15
N GLY C 8 -33.96 -15.75 -7.48
CA GLY C 8 -35.19 -15.97 -8.31
C GLY C 8 -35.53 -14.66 -9.04
N PRO C 9 -36.76 -14.54 -9.60
CA PRO C 9 -37.00 -13.37 -10.49
C PRO C 9 -36.95 -12.01 -9.83
N ASP C 10 -36.87 -11.93 -8.48
CA ASP C 10 -36.82 -10.62 -7.82
C ASP C 10 -35.44 -10.38 -7.23
N GLY C 11 -34.50 -11.21 -7.70
CA GLY C 11 -33.13 -11.19 -7.27
C GLY C 11 -32.36 -10.03 -7.84
N GLU C 12 -31.04 -10.04 -7.58
CA GLU C 12 -30.25 -8.82 -7.70
C GLU C 12 -30.13 -8.11 -9.09
N ASN C 13 -30.16 -8.88 -10.18
CA ASN C 13 -30.23 -8.36 -11.54
C ASN C 13 -31.48 -7.56 -11.86
N SER C 14 -32.56 -7.73 -11.09
CA SER C 14 -33.71 -6.90 -11.31
C SER C 14 -34.00 -5.90 -10.21
N TRP C 15 -33.15 -5.82 -9.19
CA TRP C 15 -33.29 -4.66 -8.21
C TRP C 15 -33.45 -3.28 -8.84
N SER C 16 -32.71 -2.99 -9.91
CA SER C 16 -32.86 -1.73 -10.64
C SER C 16 -34.28 -1.45 -11.15
N LYS C 17 -35.14 -2.47 -11.35
CA LYS C 17 -36.49 -2.18 -11.82
C LYS C 17 -37.35 -1.56 -10.71
N LYS C 18 -36.93 -1.78 -9.46
CA LYS C 18 -37.66 -1.33 -8.30
C LYS C 18 -36.99 -0.17 -7.57
N TYR C 19 -35.68 -0.10 -7.73
CA TYR C 19 -34.86 0.90 -7.02
C TYR C 19 -33.84 1.51 -7.98
N PRO C 20 -34.06 2.75 -8.41
CA PRO C 20 -33.21 3.29 -9.49
C PRO C 20 -31.70 3.28 -9.19
N SER C 21 -31.29 3.57 -7.95
CA SER C 21 -29.85 3.70 -7.66
C SER C 21 -29.11 2.36 -7.76
N CYS C 22 -29.80 1.23 -7.67
CA CYS C 22 -29.18 -0.12 -7.87
C CYS C 22 -28.60 -0.33 -9.27
N GLY C 23 -29.09 0.42 -10.29
CA GLY C 23 -28.47 0.39 -11.64
C GLY C 23 -27.56 1.60 -11.93
N GLY C 24 -27.23 2.36 -10.91
CA GLY C 24 -26.46 3.60 -11.09
C GLY C 24 -25.01 3.52 -10.85
N LEU C 25 -24.42 4.67 -10.61
CA LEU C 25 -23.00 4.77 -10.33
C LEU C 25 -22.58 4.32 -8.93
N LEU C 26 -21.30 4.04 -8.77
CA LEU C 26 -20.65 3.92 -7.40
C LEU C 26 -21.18 2.71 -6.56
N GLN C 27 -21.57 1.63 -7.24
CA GLN C 27 -22.14 0.47 -6.56
C GLN C 27 -21.08 -0.40 -5.81
N SER C 28 -21.48 -0.94 -4.65
CA SER C 28 -20.68 -1.90 -3.85
C SER C 28 -21.43 -3.20 -3.75
N PRO C 29 -20.78 -4.34 -3.39
CA PRO C 29 -19.38 -4.58 -3.06
C PRO C 29 -18.47 -4.66 -4.30
N ILE C 30 -17.14 -4.73 -4.09
CA ILE C 30 -16.16 -4.86 -5.16
C ILE C 30 -15.14 -5.94 -4.82
N ASP C 31 -14.33 -6.32 -5.83
CA ASP C 31 -13.23 -7.21 -5.61
C ASP C 31 -11.99 -6.34 -5.40
N LEU C 32 -11.23 -6.62 -4.34
CA LEU C 32 -10.10 -5.78 -3.93
C LEU C 32 -8.91 -6.53 -4.45
N HIS C 33 -8.25 -5.96 -5.49
CA HIS C 33 -7.15 -6.66 -6.13
C HIS C 33 -6.07 -5.69 -6.54
N SER C 34 -4.86 -6.20 -6.79
N SER C 34 -4.87 -6.21 -6.80
CA SER C 34 -3.62 -5.36 -6.91
CA SER C 34 -3.65 -5.36 -6.91
C SER C 34 -3.68 -4.19 -7.89
C SER C 34 -3.76 -4.17 -7.86
N ASP C 35 -4.25 -4.44 -9.07
CA ASP C 35 -4.26 -3.48 -10.18
C ASP C 35 -4.98 -2.20 -9.82
N ILE C 36 -5.96 -2.27 -8.92
CA ILE C 36 -6.78 -1.07 -8.56
C ILE C 36 -6.46 -0.54 -7.14
N LEU C 37 -5.45 -1.10 -6.48
CA LEU C 37 -5.02 -0.62 -5.15
C LEU C 37 -3.97 0.53 -5.26
N GLN C 38 -4.14 1.59 -4.44
CA GLN C 38 -3.06 2.61 -4.36
C GLN C 38 -2.76 2.97 -2.89
N TYR C 39 -1.50 2.88 -2.49
CA TYR C 39 -1.15 3.26 -1.10
C TYR C 39 -1.44 4.76 -0.86
N ASP C 40 -2.03 5.08 0.29
CA ASP C 40 -2.35 6.47 0.66
C ASP C 40 -1.89 6.71 2.11
N ALA C 41 -0.74 7.35 2.32
CA ALA C 41 -0.22 7.56 3.67
C ALA C 41 -1.12 8.49 4.51
N SER C 42 -2.03 9.24 3.87
CA SER C 42 -2.96 10.08 4.62
C SER C 42 -4.04 9.28 5.38
N LEU C 43 -4.13 7.97 5.14
CA LEU C 43 -5.16 7.16 5.83
C LEU C 43 -4.72 6.71 7.21
N THR C 44 -5.14 7.48 8.22
CA THR C 44 -4.67 7.31 9.60
C THR C 44 -5.67 6.42 10.38
N PRO C 45 -5.29 5.95 11.58
CA PRO C 45 -6.23 5.01 12.26
C PRO C 45 -7.52 5.68 12.62
N LEU C 46 -8.62 4.93 12.57
CA LEU C 46 -9.90 5.44 13.06
C LEU C 46 -9.89 5.30 14.58
N GLU C 47 -10.61 6.17 15.29
CA GLU C 47 -10.84 5.94 16.71
C GLU C 47 -12.30 5.58 16.95
N PHE C 48 -12.53 4.47 17.65
CA PHE C 48 -13.84 3.91 17.90
C PHE C 48 -14.29 4.34 19.30
N GLN C 49 -15.10 5.38 19.37
CA GLN C 49 -15.54 5.91 20.67
C GLN C 49 -16.92 5.46 21.08
N GLY C 50 -17.06 5.13 22.38
CA GLY C 50 -18.30 4.58 22.92
C GLY C 50 -18.71 3.23 22.32
N TYR C 51 -17.75 2.52 21.71
CA TYR C 51 -17.96 1.10 21.28
C TYR C 51 -18.08 0.15 22.45
N ASN C 52 -17.55 0.54 23.61
CA ASN C 52 -17.71 -0.31 24.84
C ASN C 52 -19.11 -0.15 25.46
N LEU C 53 -20.12 -0.72 24.80
CA LEU C 53 -21.50 -0.59 25.24
C LEU C 53 -21.75 -1.10 26.67
N SER C 54 -22.57 -0.35 27.39
CA SER C 54 -22.84 -0.60 28.81
C SER C 54 -23.45 -2.01 28.97
N ALA C 55 -22.78 -2.85 29.75
CA ALA C 55 -23.33 -4.18 30.10
C ALA C 55 -24.67 -4.07 30.84
N ASN C 56 -24.96 -2.88 31.37
CA ASN C 56 -26.22 -2.64 32.13
C ASN C 56 -27.38 -2.19 31.21
N LYS C 57 -27.13 -2.08 29.90
CA LYS C 57 -28.16 -1.69 28.97
C LYS C 57 -28.43 -2.89 28.08
N GLN C 58 -29.53 -2.83 27.34
CA GLN C 58 -29.89 -3.88 26.36
C GLN C 58 -30.20 -3.29 25.01
N PHE C 59 -29.77 -3.99 23.94
CA PHE C 59 -29.84 -3.51 22.59
C PHE C 59 -30.72 -4.43 21.73
N LEU C 60 -31.58 -3.86 20.89
CA LEU C 60 -32.55 -4.65 20.13
C LEU C 60 -31.89 -5.40 18.93
N LEU C 61 -32.15 -6.71 18.83
CA LEU C 61 -31.75 -7.55 17.69
C LEU C 61 -33.04 -7.92 16.94
N THR C 62 -33.01 -7.74 15.62
CA THR C 62 -34.20 -7.89 14.80
C THR C 62 -33.87 -8.70 13.54
N ASN C 63 -34.72 -9.66 13.25
CA ASN C 63 -34.72 -10.31 11.93
C ASN C 63 -35.63 -9.42 11.00
N ASN C 64 -35.01 -8.77 10.01
CA ASN C 64 -35.78 -7.87 9.12
C ASN C 64 -36.21 -8.46 7.78
N GLY C 65 -36.01 -9.77 7.61
CA GLY C 65 -36.43 -10.42 6.39
C GLY C 65 -35.28 -10.54 5.41
N HIS C 66 -34.19 -9.78 5.62
CA HIS C 66 -33.04 -9.73 4.70
C HIS C 66 -31.72 -10.05 5.43
N SER C 67 -31.66 -9.75 6.73
CA SER C 67 -30.46 -10.00 7.55
C SER C 67 -30.94 -10.07 9.00
N VAL C 68 -30.00 -10.20 9.93
CA VAL C 68 -30.23 -10.05 11.34
C VAL C 68 -29.41 -8.80 11.75
N LYS C 69 -30.08 -7.85 12.40
CA LYS C 69 -29.44 -6.53 12.68
C LYS C 69 -29.53 -6.19 14.21
N LEU C 70 -28.48 -5.62 14.73
CA LEU C 70 -28.48 -5.10 16.06
C LEU C 70 -28.52 -3.55 16.01
N ASN C 71 -29.51 -2.98 16.70
CA ASN C 71 -29.57 -1.55 16.87
C ASN C 71 -28.41 -1.04 17.75
N LEU C 72 -27.81 0.04 17.32
CA LEU C 72 -26.66 0.69 18.02
C LEU C 72 -27.05 2.12 18.45
N PRO C 73 -26.52 2.62 19.60
CA PRO C 73 -26.94 3.94 20.12
C PRO C 73 -26.14 5.09 19.45
N SER C 74 -26.76 6.26 19.28
CA SER C 74 -26.12 7.37 18.60
C SER C 74 -24.91 7.92 19.36
N ASP C 75 -24.69 7.55 20.63
CA ASP C 75 -23.43 8.01 21.30
C ASP C 75 -22.16 7.31 20.83
N MET C 76 -22.31 6.12 20.22
CA MET C 76 -21.22 5.40 19.65
C MET C 76 -20.85 6.04 18.29
N HIS C 77 -19.56 6.26 18.03
CA HIS C 77 -19.15 6.97 16.82
C HIS C 77 -17.74 6.67 16.35
N ILE C 78 -17.48 6.95 15.09
CA ILE C 78 -16.09 7.00 14.63
C ILE C 78 -15.61 8.42 14.49
N GLN C 79 -14.41 8.67 15.02
CA GLN C 79 -13.77 9.93 14.88
C GLN C 79 -12.48 9.68 14.07
N GLY C 80 -12.03 10.71 13.38
CA GLY C 80 -10.91 10.56 12.47
C GLY C 80 -11.27 10.89 11.03
N LEU C 81 -12.54 10.75 10.67
CA LEU C 81 -12.98 11.23 9.36
C LEU C 81 -13.24 12.75 9.42
N GLN C 82 -13.57 13.37 8.28
CA GLN C 82 -13.72 14.86 8.26
C GLN C 82 -14.93 15.37 9.12
N SER C 83 -16.02 14.60 9.10
CA SER C 83 -17.10 14.72 10.05
C SER C 83 -17.15 13.55 11.01
N ARG C 84 -17.90 13.74 12.10
CA ARG C 84 -18.29 12.64 12.95
C ARG C 84 -19.35 11.78 12.26
N TYR C 85 -19.17 10.46 12.35
CA TYR C 85 -20.23 9.50 11.95
C TYR C 85 -20.75 8.74 13.16
N SER C 86 -22.03 8.80 13.45
CA SER C 86 -22.56 8.05 14.61
C SER C 86 -23.18 6.68 14.23
N ALA C 87 -23.00 5.62 15.05
CA ALA C 87 -23.55 4.31 14.73
C ALA C 87 -25.05 4.26 14.69
N THR C 88 -25.57 3.40 13.82
CA THR C 88 -27.01 3.21 13.77
C THR C 88 -27.40 1.72 13.91
N GLN C 89 -26.63 0.82 13.29
CA GLN C 89 -26.90 -0.63 13.39
C GLN C 89 -25.74 -1.46 12.87
N LEU C 90 -25.70 -2.74 13.26
CA LEU C 90 -24.80 -3.67 12.56
C LEU C 90 -25.57 -4.86 12.08
N HIS C 91 -25.02 -5.56 11.09
CA HIS C 91 -25.72 -6.71 10.52
C HIS C 91 -24.72 -7.58 9.76
N LEU C 92 -25.21 -8.72 9.32
CA LEU C 92 -24.35 -9.72 8.64
C LEU C 92 -24.81 -10.21 7.26
N HIS C 93 -23.83 -10.68 6.49
CA HIS C 93 -24.08 -11.37 5.17
C HIS C 93 -23.37 -12.72 5.15
N TRP C 94 -24.03 -13.74 4.61
CA TRP C 94 -23.47 -15.13 4.55
C TRP C 94 -23.96 -16.00 3.42
N GLY C 95 -23.37 -17.18 3.28
CA GLY C 95 -23.64 -18.07 2.13
C GLY C 95 -24.60 -19.19 2.52
N ASN C 96 -24.17 -20.44 2.38
CA ASN C 96 -25.06 -21.58 2.73
C ASN C 96 -24.18 -22.81 2.95
N PRO C 97 -24.70 -23.84 3.65
CA PRO C 97 -23.84 -24.99 4.06
C PRO C 97 -23.19 -25.74 2.87
N ASN C 98 -23.85 -25.75 1.71
CA ASN C 98 -23.26 -26.29 0.50
C ASN C 98 -22.13 -25.42 -0.16
N ASP C 99 -22.16 -24.11 0.06
CA ASP C 99 -21.14 -23.19 -0.51
C ASP C 99 -20.90 -22.05 0.48
N PRO C 100 -20.18 -22.32 1.58
CA PRO C 100 -20.13 -21.43 2.74
C PRO C 100 -19.10 -20.28 2.50
N HIS C 101 -19.39 -19.52 1.45
CA HIS C 101 -18.53 -18.40 1.05
C HIS C 101 -19.40 -17.23 0.66
N GLY C 102 -19.97 -16.54 1.64
CA GLY C 102 -20.87 -15.43 1.30
C GLY C 102 -20.49 -14.06 1.89
N SER C 103 -19.20 -13.75 1.97
CA SER C 103 -18.83 -12.31 2.08
C SER C 103 -19.34 -11.51 0.88
N GLU C 104 -19.41 -10.20 1.02
CA GLU C 104 -19.74 -9.33 -0.09
C GLU C 104 -18.48 -8.89 -0.83
N HIS C 105 -17.55 -8.25 -0.11
CA HIS C 105 -16.27 -7.90 -0.67
C HIS C 105 -15.46 -9.17 -0.86
N THR C 106 -14.64 -9.19 -1.89
CA THR C 106 -13.77 -10.32 -2.15
C THR C 106 -12.33 -9.78 -2.20
N VAL C 107 -11.33 -10.63 -2.01
CA VAL C 107 -9.91 -10.17 -2.05
C VAL C 107 -9.17 -11.06 -3.00
N SER C 108 -8.55 -10.46 -4.02
CA SER C 108 -7.91 -11.23 -5.10
C SER C 108 -8.79 -12.38 -5.58
N GLY C 109 -10.08 -12.08 -5.80
CA GLY C 109 -11.01 -13.08 -6.21
C GLY C 109 -11.65 -13.97 -5.14
N GLN C 110 -11.03 -14.05 -3.94
CA GLN C 110 -11.44 -15.02 -2.89
C GLN C 110 -12.62 -14.48 -2.04
N HIS C 111 -13.73 -15.26 -1.92
CA HIS C 111 -14.84 -14.87 -1.01
C HIS C 111 -14.46 -15.35 0.36
N PHE C 112 -14.83 -14.60 1.41
CA PHE C 112 -14.69 -15.08 2.75
C PHE C 112 -16.00 -15.71 3.14
N ALA C 113 -16.06 -16.43 4.27
CA ALA C 113 -17.27 -17.13 4.74
C ALA C 113 -18.45 -16.21 4.96
N ALA C 114 -18.19 -15.02 5.53
CA ALA C 114 -19.25 -14.08 5.87
C ALA C 114 -18.69 -12.67 6.02
N GLU C 115 -19.58 -11.69 6.25
CA GLU C 115 -19.14 -10.31 6.43
C GLU C 115 -20.02 -9.56 7.44
N LEU C 116 -19.36 -8.76 8.26
CA LEU C 116 -20.04 -7.89 9.27
C LEU C 116 -19.99 -6.46 8.80
N HIS C 117 -21.11 -5.75 8.85
CA HIS C 117 -21.17 -4.32 8.52
C HIS C 117 -21.61 -3.57 9.73
N ILE C 118 -20.83 -2.56 10.10
CA ILE C 118 -21.23 -1.65 11.19
C ILE C 118 -21.55 -0.29 10.53
N VAL C 119 -22.84 0.07 10.50
CA VAL C 119 -23.34 1.21 9.69
C VAL C 119 -23.37 2.50 10.55
N HIS C 120 -22.86 3.61 10.02
CA HIS C 120 -22.84 4.91 10.75
C HIS C 120 -23.38 5.98 9.83
N TYR C 121 -23.90 7.08 10.37
CA TYR C 121 -24.36 8.22 9.52
C TYR C 121 -23.67 9.51 9.95
N ASN C 122 -23.66 10.49 9.05
CA ASN C 122 -22.94 11.73 9.26
C ASN C 122 -23.82 12.63 10.13
N SER C 123 -23.54 12.64 11.42
CA SER C 123 -24.38 13.34 12.37
C SER C 123 -24.02 14.83 12.55
N ASP C 124 -22.92 15.27 11.94
CA ASP C 124 -22.57 16.68 11.87
C ASP C 124 -23.42 17.38 10.83
N LEU C 125 -23.70 16.66 9.73
CA LEU C 125 -24.51 17.19 8.62
C LEU C 125 -25.99 16.85 8.71
N TYR C 126 -26.35 15.70 9.28
CA TYR C 126 -27.74 15.27 9.28
C TYR C 126 -28.24 14.84 10.66
N PRO C 127 -29.57 14.93 10.91
CA PRO C 127 -30.12 14.65 12.26
C PRO C 127 -30.27 13.18 12.65
N ASP C 128 -30.44 12.29 11.67
CA ASP C 128 -30.60 10.82 11.91
C ASP C 128 -30.19 9.99 10.67
N ALA C 129 -30.09 8.67 10.82
CA ALA C 129 -29.71 7.75 9.72
C ALA C 129 -30.66 7.83 8.51
N SER C 130 -31.98 7.89 8.78
CA SER C 130 -33.00 7.95 7.73
C SER C 130 -32.81 9.18 6.83
N THR C 131 -32.63 10.38 7.39
CA THR C 131 -32.37 11.51 6.50
C THR C 131 -30.95 11.59 5.88
N ALA C 132 -29.95 11.03 6.54
CA ALA C 132 -28.60 10.95 5.93
C ALA C 132 -28.50 9.99 4.71
N SER C 133 -29.35 8.96 4.74
CA SER C 133 -29.10 7.76 3.93
C SER C 133 -29.00 8.04 2.45
N ASN C 134 -29.87 8.94 1.97
CA ASN C 134 -29.91 9.30 0.57
C ASN C 134 -29.21 10.62 0.23
N LYS C 135 -28.38 11.11 1.15
CA LYS C 135 -27.77 12.42 1.00
C LYS C 135 -26.23 12.40 0.96
N SER C 136 -25.68 13.48 0.38
CA SER C 136 -24.24 13.65 0.18
C SER C 136 -23.41 13.37 1.44
N GLU C 137 -22.37 12.53 1.33
CA GLU C 137 -21.57 12.03 2.47
C GLU C 137 -22.40 11.54 3.70
N GLY C 138 -23.55 10.94 3.40
CA GLY C 138 -24.50 10.57 4.45
C GLY C 138 -24.01 9.45 5.36
N LEU C 139 -23.28 8.49 4.79
CA LEU C 139 -23.02 7.19 5.48
C LEU C 139 -21.60 6.75 5.47
N ALA C 140 -21.20 6.03 6.53
CA ALA C 140 -19.89 5.37 6.58
C ALA C 140 -20.04 3.96 7.16
N VAL C 141 -19.51 2.97 6.44
CA VAL C 141 -19.63 1.57 6.87
C VAL C 141 -18.27 0.93 7.12
N LEU C 142 -18.16 0.21 8.23
CA LEU C 142 -16.94 -0.56 8.53
C LEU C 142 -17.29 -1.96 8.16
N ALA C 143 -16.42 -2.60 7.37
CA ALA C 143 -16.64 -4.03 6.95
C ALA C 143 -15.56 -4.94 7.57
N VAL C 144 -16.02 -5.99 8.26
N VAL C 144 -16.01 -5.98 8.25
CA VAL C 144 -15.14 -7.05 8.79
CA VAL C 144 -15.12 -7.03 8.75
C VAL C 144 -15.35 -8.37 8.07
C VAL C 144 -15.36 -8.32 8.01
N LEU C 145 -14.28 -8.86 7.42
CA LEU C 145 -14.29 -10.14 6.73
C LEU C 145 -14.19 -11.26 7.74
N ILE C 146 -15.10 -12.26 7.61
CA ILE C 146 -15.16 -13.42 8.50
C ILE C 146 -14.76 -14.76 7.81
N GLU C 147 -13.84 -15.47 8.42
CA GLU C 147 -13.46 -16.80 7.92
C GLU C 147 -13.77 -17.90 8.94
N MET C 148 -13.82 -19.15 8.49
CA MET C 148 -14.16 -20.24 9.38
C MET C 148 -12.86 -20.68 10.07
N GLY C 149 -12.90 -20.77 11.38
CA GLY C 149 -11.67 -21.13 12.17
C GLY C 149 -11.94 -21.29 13.65
N SER C 150 -11.23 -20.50 14.47
CA SER C 150 -11.46 -20.54 15.93
C SER C 150 -12.84 -20.05 16.36
N PHE C 151 -13.40 -20.68 17.40
CA PHE C 151 -14.63 -20.15 18.08
C PHE C 151 -14.36 -18.72 18.53
N ASN C 152 -15.37 -17.85 18.42
CA ASN C 152 -15.19 -16.44 18.68
C ASN C 152 -16.21 -16.08 19.77
N PRO C 153 -15.76 -15.94 21.04
CA PRO C 153 -16.74 -15.60 22.08
C PRO C 153 -17.56 -14.33 21.84
N SER C 154 -16.91 -13.29 21.30
CA SER C 154 -17.50 -11.98 21.06
C SER C 154 -18.65 -12.03 20.03
N TYR C 155 -18.43 -12.67 18.86
CA TYR C 155 -19.55 -12.90 17.89
C TYR C 155 -20.67 -13.74 18.54
N ASP C 156 -20.30 -14.64 19.49
CA ASP C 156 -21.36 -15.46 20.13
C ASP C 156 -22.33 -14.66 21.03
N LYS C 157 -21.88 -13.48 21.42
CA LYS C 157 -22.76 -12.51 22.14
C LYS C 157 -23.96 -12.14 21.28
N ILE C 158 -23.80 -12.10 19.94
CA ILE C 158 -24.94 -12.03 18.98
C ILE C 158 -25.55 -13.40 18.65
N PHE C 159 -24.69 -14.36 18.27
CA PHE C 159 -25.18 -15.61 17.68
C PHE C 159 -26.04 -16.46 18.67
N SER C 160 -25.77 -16.30 19.95
CA SER C 160 -26.49 -17.11 20.99
C SER C 160 -27.97 -16.77 21.06
N HIS C 161 -28.38 -15.64 20.41
CA HIS C 161 -29.80 -15.22 20.31
C HIS C 161 -30.51 -15.62 19.05
N LEU C 162 -29.77 -16.24 18.12
CA LEU C 162 -30.33 -16.51 16.80
C LEU C 162 -31.61 -17.34 16.78
N GLN C 163 -31.66 -18.38 17.61
CA GLN C 163 -32.85 -19.24 17.78
C GLN C 163 -34.06 -18.55 18.35
N HIS C 164 -33.93 -17.28 18.72
CA HIS C 164 -35.09 -16.49 19.21
C HIS C 164 -35.55 -15.35 18.30
N VAL C 165 -34.86 -15.19 17.17
CA VAL C 165 -35.31 -14.30 16.11
C VAL C 165 -35.37 -15.06 14.75
N LYS C 166 -35.89 -16.30 14.74
CA LYS C 166 -35.84 -17.15 13.54
C LYS C 166 -36.66 -16.57 12.35
N TYR C 167 -37.69 -15.77 12.63
CA TYR C 167 -38.64 -15.42 11.59
C TYR C 167 -38.72 -13.91 11.47
N LYS C 168 -39.14 -13.47 10.28
CA LYS C 168 -39.21 -12.02 9.96
C LYS C 168 -40.03 -11.25 10.97
N GLY C 169 -39.50 -10.13 11.46
CA GLY C 169 -40.21 -9.29 12.44
C GLY C 169 -39.90 -9.63 13.88
N GLN C 170 -39.31 -10.80 14.14
CA GLN C 170 -38.99 -11.20 15.50
C GLN C 170 -37.82 -10.41 16.09
N GLU C 171 -37.87 -10.20 17.41
CA GLU C 171 -36.91 -9.33 18.13
C GLU C 171 -36.42 -9.98 19.42
N ALA C 172 -35.21 -9.61 19.84
CA ALA C 172 -34.62 -10.08 21.08
C ALA C 172 -33.75 -9.00 21.64
N PHE C 173 -33.54 -8.99 22.96
CA PHE C 173 -32.59 -8.09 23.59
C PHE C 173 -31.24 -8.72 23.79
N VAL C 174 -30.19 -7.95 23.47
CA VAL C 174 -28.83 -8.36 23.70
C VAL C 174 -28.16 -7.36 24.65
N PRO C 175 -27.59 -7.85 25.79
CA PRO C 175 -26.93 -6.86 26.68
C PRO C 175 -25.71 -6.24 26.03
N GLY C 176 -25.40 -5.00 26.45
CA GLY C 176 -24.21 -4.32 25.93
C GLY C 176 -22.92 -5.13 26.09
N PHE C 177 -22.08 -5.08 25.06
CA PHE C 177 -20.74 -5.58 25.14
C PHE C 177 -19.85 -4.68 24.32
N ASN C 178 -18.56 -4.88 24.41
CA ASN C 178 -17.64 -4.06 23.64
C ASN C 178 -17.57 -4.47 22.16
N ILE C 179 -18.22 -3.67 21.30
CA ILE C 179 -18.26 -3.87 19.82
C ILE C 179 -16.87 -3.94 19.15
N GLU C 180 -15.90 -3.27 19.75
CA GLU C 180 -14.56 -3.37 19.27
C GLU C 180 -13.97 -4.80 19.28
N GLU C 181 -14.48 -5.67 20.14
CA GLU C 181 -14.12 -7.10 20.14
C GLU C 181 -14.57 -7.82 18.81
N LEU C 182 -15.42 -7.17 17.99
CA LEU C 182 -15.83 -7.79 16.69
C LEU C 182 -14.86 -7.42 15.56
N LEU C 183 -13.89 -6.57 15.88
CA LEU C 183 -12.95 -6.04 14.89
C LEU C 183 -11.73 -6.95 14.87
N PRO C 184 -11.00 -6.95 13.74
CA PRO C 184 -9.88 -7.87 13.63
C PRO C 184 -8.59 -7.23 14.18
N GLU C 185 -7.49 -7.99 14.13
N GLU C 185 -7.49 -7.98 14.14
CA GLU C 185 -6.15 -7.49 14.44
CA GLU C 185 -6.18 -7.43 14.50
C GLU C 185 -5.73 -6.39 13.47
C GLU C 185 -5.74 -6.38 13.49
N ARG C 186 -4.87 -5.47 13.96
CA ARG C 186 -4.30 -4.38 13.17
C ARG C 186 -5.36 -3.55 12.38
N THR C 187 -6.34 -3.01 13.11
CA THR C 187 -7.36 -2.15 12.46
C THR C 187 -6.81 -0.92 11.75
N ALA C 188 -5.58 -0.50 12.05
CA ALA C 188 -4.97 0.61 11.30
C ALA C 188 -4.76 0.27 9.77
N GLU C 189 -4.82 -1.04 9.41
CA GLU C 189 -4.57 -1.56 8.08
C GLU C 189 -5.88 -1.84 7.39
N TYR C 190 -6.22 -1.00 6.40
CA TYR C 190 -7.58 -1.10 5.75
C TYR C 190 -7.59 -0.63 4.31
N TYR C 191 -8.68 -1.04 3.63
CA TYR C 191 -9.02 -0.56 2.33
C TYR C 191 -10.08 0.55 2.49
N ARG C 192 -9.94 1.59 1.69
CA ARG C 192 -10.88 2.74 1.68
C ARG C 192 -11.42 3.15 0.28
N TYR C 193 -12.74 3.15 0.07
CA TYR C 193 -13.28 3.67 -1.24
C TYR C 193 -14.66 4.27 -1.13
N ARG C 194 -15.07 5.04 -2.12
CA ARG C 194 -16.41 5.57 -2.13
C ARG C 194 -17.33 4.62 -2.86
N GLY C 195 -18.42 4.27 -2.22
CA GLY C 195 -19.39 3.35 -2.84
C GLY C 195 -20.81 3.50 -2.32
N SER C 196 -21.53 2.37 -2.14
CA SER C 196 -22.99 2.36 -1.99
C SER C 196 -23.43 1.35 -0.96
N LEU C 197 -24.69 1.48 -0.57
CA LEU C 197 -25.32 0.41 0.19
C LEU C 197 -25.36 -0.80 -0.71
N THR C 198 -25.21 -1.99 -0.14
CA THR C 198 -25.16 -3.21 -0.96
C THR C 198 -26.53 -3.86 -1.06
N THR C 199 -27.50 -3.23 -0.41
CA THR C 199 -28.88 -3.71 -0.56
C THR C 199 -29.75 -2.55 -1.09
N PRO C 200 -30.94 -2.84 -1.65
CA PRO C 200 -31.85 -1.71 -1.97
C PRO C 200 -32.05 -0.81 -0.72
N PRO C 201 -32.12 0.54 -0.90
CA PRO C 201 -32.23 1.25 -2.17
C PRO C 201 -30.88 1.52 -2.92
N CYS C 202 -29.79 0.88 -2.47
CA CYS C 202 -28.43 1.00 -3.04
C CYS C 202 -27.84 2.44 -3.19
N ASN C 203 -28.24 3.35 -2.29
CA ASN C 203 -27.85 4.75 -2.42
C ASN C 203 -26.33 4.85 -2.49
N PRO C 204 -25.81 5.67 -3.42
CA PRO C 204 -24.36 5.84 -3.64
C PRO C 204 -23.68 6.84 -2.65
N THR C 205 -23.90 6.63 -1.36
CA THR C 205 -23.61 7.63 -0.32
C THR C 205 -22.70 7.10 0.79
N VAL C 206 -22.00 5.99 0.52
CA VAL C 206 -21.23 5.30 1.58
C VAL C 206 -19.73 5.48 1.42
N LEU C 207 -19.08 5.92 2.49
CA LEU C 207 -17.66 5.86 2.55
C LEU C 207 -17.30 4.46 3.18
N TRP C 208 -16.66 3.59 2.38
CA TRP C 208 -16.31 2.26 2.84
C TRP C 208 -14.93 2.16 3.51
N THR C 209 -14.85 1.49 4.64
CA THR C 209 -13.53 0.99 5.23
C THR C 209 -13.65 -0.54 5.46
N VAL C 210 -12.91 -1.32 4.67
CA VAL C 210 -12.87 -2.76 4.83
C VAL C 210 -11.56 -3.11 5.52
N PHE C 211 -11.64 -3.77 6.68
CA PHE C 211 -10.34 -4.08 7.37
C PHE C 211 -9.55 -5.10 6.59
N ARG C 212 -8.22 -4.93 6.60
CA ARG C 212 -7.33 -5.85 5.87
C ARG C 212 -7.41 -7.32 6.37
N ASN C 213 -7.49 -7.51 7.68
CA ASN C 213 -7.43 -8.84 8.25
C ASN C 213 -8.81 -9.35 8.62
N PRO C 214 -9.07 -10.63 8.33
CA PRO C 214 -10.32 -11.25 8.75
C PRO C 214 -10.31 -11.62 10.21
N VAL C 215 -11.50 -11.84 10.76
CA VAL C 215 -11.69 -12.51 12.08
C VAL C 215 -12.12 -13.96 11.80
N GLN C 216 -12.01 -14.87 12.81
CA GLN C 216 -12.53 -16.21 12.70
C GLN C 216 -13.72 -16.47 13.62
N ILE C 217 -14.66 -17.26 13.13
CA ILE C 217 -15.76 -17.86 13.92
C ILE C 217 -15.68 -19.39 13.66
N SER C 218 -16.27 -20.19 14.51
CA SER C 218 -16.10 -21.66 14.36
C SER C 218 -17.05 -22.20 13.30
N GLN C 219 -16.82 -23.46 12.90
CA GLN C 219 -17.69 -24.10 11.91
C GLN C 219 -19.12 -24.16 12.47
N GLU C 220 -19.22 -24.36 13.78
CA GLU C 220 -20.55 -24.46 14.41
C GLU C 220 -21.26 -23.12 14.43
N GLN C 221 -20.50 -22.04 14.69
CA GLN C 221 -21.11 -20.68 14.64
C GLN C 221 -21.54 -20.31 13.22
N LEU C 222 -20.66 -20.59 12.24
CA LEU C 222 -21.03 -20.37 10.86
C LEU C 222 -22.28 -21.19 10.48
N LEU C 223 -22.37 -22.47 10.89
CA LEU C 223 -23.52 -23.29 10.46
C LEU C 223 -24.79 -22.73 11.07
N ALA C 224 -24.67 -22.27 12.32
CA ALA C 224 -25.83 -21.62 13.03
C ALA C 224 -26.33 -20.39 12.31
N LEU C 225 -25.41 -19.49 11.94
CA LEU C 225 -25.78 -18.30 11.20
C LEU C 225 -26.51 -18.67 9.86
N GLU C 226 -26.05 -19.76 9.19
CA GLU C 226 -26.55 -20.09 7.86
C GLU C 226 -27.87 -20.88 7.95
N THR C 227 -28.24 -21.40 9.12
CA THR C 227 -29.38 -22.36 9.16
C THR C 227 -30.46 -21.93 10.13
N ALA C 228 -30.21 -20.90 10.95
CA ALA C 228 -31.17 -20.49 12.03
C ALA C 228 -32.36 -19.67 11.54
N LEU C 229 -32.17 -18.91 10.47
CA LEU C 229 -33.09 -17.76 10.16
C LEU C 229 -33.90 -17.93 8.88
N TYR C 230 -35.16 -17.49 8.91
CA TYR C 230 -36.00 -17.46 7.70
C TYR C 230 -36.28 -16.04 7.25
N CYS C 231 -36.49 -15.85 5.94
CA CYS C 231 -36.85 -14.54 5.37
C CYS C 231 -38.28 -14.17 5.65
N THR C 232 -39.11 -15.19 5.82
CA THR C 232 -40.57 -15.08 5.95
C THR C 232 -41.15 -15.06 7.40
N HIS C 233 -42.43 -14.69 7.54
CA HIS C 233 -43.08 -14.66 8.87
C HIS C 233 -43.34 -16.05 9.40
N MET C 234 -43.54 -16.15 10.71
CA MET C 234 -43.75 -17.45 11.36
C MET C 234 -44.86 -18.31 10.70
N ASP C 235 -45.86 -17.69 10.10
CA ASP C 235 -46.97 -18.49 9.52
C ASP C 235 -47.01 -18.55 7.98
N ASP C 236 -45.88 -18.28 7.34
CA ASP C 236 -45.86 -18.07 5.88
C ASP C 236 -45.97 -19.35 5.06
N PRO C 237 -47.04 -19.47 4.27
CA PRO C 237 -47.26 -20.69 3.47
C PRO C 237 -46.07 -21.05 2.60
N SER C 238 -45.40 -20.03 2.06
CA SER C 238 -44.25 -20.23 1.15
C SER C 238 -42.98 -19.73 1.89
N PRO C 239 -42.45 -20.57 2.84
CA PRO C 239 -41.24 -20.26 3.68
C PRO C 239 -40.00 -20.16 2.82
N ARG C 240 -39.01 -19.34 3.21
CA ARG C 240 -37.82 -19.18 2.41
C ARG C 240 -36.71 -19.06 3.46
N GLU C 241 -35.71 -19.95 3.42
CA GLU C 241 -34.59 -19.85 4.34
C GLU C 241 -33.79 -18.60 4.01
N MET C 242 -33.11 -18.02 5.02
CA MET C 242 -32.29 -16.83 4.87
C MET C 242 -30.85 -17.26 4.68
N ILE C 243 -30.52 -17.41 3.38
CA ILE C 243 -29.23 -17.90 2.92
C ILE C 243 -28.76 -17.11 1.73
N ASN C 244 -27.43 -17.05 1.52
CA ASN C 244 -26.88 -16.40 0.30
C ASN C 244 -27.40 -14.96 0.19
N ASN C 245 -27.44 -14.26 1.33
CA ASN C 245 -27.88 -12.83 1.38
C ASN C 245 -26.69 -11.86 1.16
N PHE C 246 -25.90 -12.12 0.12
CA PHE C 246 -24.76 -11.25 -0.32
C PHE C 246 -24.95 -10.88 -1.82
N ARG C 247 -24.53 -9.66 -2.16
CA ARG C 247 -24.57 -9.16 -3.55
C ARG C 247 -23.27 -9.59 -4.27
N GLN C 248 -23.35 -9.91 -5.57
CA GLN C 248 -22.17 -10.19 -6.42
C GLN C 248 -21.32 -8.91 -6.46
N VAL C 249 -20.01 -9.05 -6.68
CA VAL C 249 -19.19 -7.84 -6.84
C VAL C 249 -19.58 -7.04 -8.11
N GLN C 250 -19.32 -5.72 -8.08
CA GLN C 250 -19.73 -4.78 -9.09
C GLN C 250 -18.52 -4.40 -9.97
N LYS C 251 -18.80 -3.89 -11.18
CA LYS C 251 -17.74 -3.30 -12.02
C LYS C 251 -17.13 -2.12 -11.27
N PHE C 252 -15.83 -1.90 -11.45
CA PHE C 252 -15.13 -0.84 -10.73
C PHE C 252 -14.00 -0.45 -11.63
N ASP C 253 -14.29 0.48 -12.53
CA ASP C 253 -13.37 0.87 -13.62
C ASP C 253 -13.05 2.35 -13.52
N GLU C 254 -11.81 2.66 -13.92
CA GLU C 254 -11.08 3.93 -13.76
C GLU C 254 -10.63 4.18 -12.30
N ARG C 255 -11.55 3.97 -11.38
N ARG C 255 -11.58 3.94 -11.39
CA ARG C 255 -11.37 4.31 -9.97
CA ARG C 255 -11.48 4.17 -9.94
C ARG C 255 -10.53 3.33 -9.15
C ARG C 255 -10.45 3.34 -9.18
N LEU C 256 -10.09 3.82 -7.99
CA LEU C 256 -9.11 3.15 -7.15
C LEU C 256 -9.65 2.89 -5.75
N VAL C 257 -9.03 1.94 -5.10
CA VAL C 257 -9.27 1.66 -3.69
C VAL C 257 -7.97 2.15 -3.07
N TYR C 258 -8.11 2.93 -1.99
CA TYR C 258 -6.92 3.48 -1.33
C TYR C 258 -6.56 2.58 -0.14
N THR C 259 -5.28 2.29 0.06
CA THR C 259 -4.90 1.43 1.20
C THR C 259 -3.98 2.13 2.21
N SER C 260 -4.15 1.83 3.50
CA SER C 260 -3.24 2.34 4.59
C SER C 260 -1.97 1.50 4.82
N PHE C 261 -1.88 0.42 4.06
CA PHE C 261 -0.76 -0.51 4.13
C PHE C 261 -0.20 -0.60 2.71
N SER C 262 1.09 -0.94 2.53
CA SER C 262 1.59 -1.01 1.16
C SER C 262 1.39 -2.36 0.47
N GLN C 263 2.09 -3.41 0.87
CA GLN C 263 1.83 -4.73 0.19
C GLN C 263 2.60 -4.95 -1.13
N TRP D 4 -28.16 -0.85 -24.92
CA TRP D 4 -27.36 -1.38 -23.75
C TRP D 4 -25.86 -1.23 -23.90
N THR D 5 -25.19 -1.21 -22.74
CA THR D 5 -23.73 -1.03 -22.59
C THR D 5 -23.16 -1.87 -21.44
N TYR D 6 -21.86 -1.77 -21.22
CA TYR D 6 -21.24 -2.36 -20.02
C TYR D 6 -20.85 -1.31 -18.94
N PHE D 7 -21.26 -0.07 -19.11
CA PHE D 7 -20.75 1.03 -18.26
C PHE D 7 -21.86 2.02 -18.03
N GLY D 8 -22.17 2.33 -16.79
CA GLY D 8 -22.94 3.57 -16.54
C GLY D 8 -24.42 3.24 -16.36
N PRO D 9 -25.28 4.21 -16.68
CA PRO D 9 -26.74 4.03 -16.50
C PRO D 9 -27.35 2.87 -17.26
N ASP D 10 -26.77 2.52 -18.44
CA ASP D 10 -27.43 1.51 -19.26
C ASP D 10 -26.62 0.20 -19.20
N GLY D 11 -25.75 0.12 -18.18
CA GLY D 11 -24.96 -1.09 -17.86
C GLY D 11 -25.67 -2.32 -17.35
N GLU D 12 -24.91 -3.37 -16.97
CA GLU D 12 -25.51 -4.69 -16.82
C GLU D 12 -26.60 -4.83 -15.75
N ASN D 13 -26.58 -4.03 -14.68
CA ASN D 13 -27.63 -4.15 -13.67
C ASN D 13 -28.97 -3.65 -14.18
N SER D 14 -28.95 -2.88 -15.28
CA SER D 14 -30.20 -2.35 -15.87
C SER D 14 -30.68 -3.14 -17.08
N TRP D 15 -29.92 -4.16 -17.53
CA TRP D 15 -30.32 -4.95 -18.73
C TRP D 15 -31.69 -5.59 -18.61
N SER D 16 -32.03 -6.02 -17.41
CA SER D 16 -33.38 -6.65 -17.21
C SER D 16 -34.60 -5.78 -17.46
N LYS D 17 -34.40 -4.45 -17.50
CA LYS D 17 -35.53 -3.51 -17.71
C LYS D 17 -36.15 -3.79 -19.05
N LYS D 18 -35.31 -3.88 -20.09
CA LYS D 18 -35.75 -4.13 -21.46
C LYS D 18 -35.62 -5.57 -21.97
N TYR D 19 -34.74 -6.32 -21.31
CA TYR D 19 -34.51 -7.73 -21.61
C TYR D 19 -34.69 -8.60 -20.35
N PRO D 20 -35.94 -9.04 -20.05
CA PRO D 20 -36.27 -9.60 -18.76
C PRO D 20 -35.47 -10.89 -18.46
N SER D 21 -34.97 -11.60 -19.50
CA SER D 21 -34.26 -12.86 -19.24
C SER D 21 -32.93 -12.59 -18.59
N CYS D 22 -32.47 -11.35 -18.71
CA CYS D 22 -31.25 -10.95 -18.02
C CYS D 22 -31.36 -11.01 -16.48
N GLY D 23 -32.63 -10.99 -16.00
CA GLY D 23 -32.90 -11.18 -14.57
C GLY D 23 -33.55 -12.54 -14.26
N GLY D 24 -33.45 -13.48 -15.22
CA GLY D 24 -34.17 -14.76 -15.13
C GLY D 24 -33.24 -15.88 -14.71
N LEU D 25 -33.59 -17.10 -15.11
CA LEU D 25 -32.93 -18.31 -14.74
C LEU D 25 -31.67 -18.59 -15.52
N LEU D 26 -30.83 -19.53 -15.01
CA LEU D 26 -29.70 -20.08 -15.75
C LEU D 26 -28.68 -19.06 -16.29
N GLN D 27 -28.41 -18.00 -15.55
CA GLN D 27 -27.53 -16.93 -16.12
C GLN D 27 -26.06 -17.25 -16.08
N SER D 28 -25.34 -16.82 -17.14
CA SER D 28 -23.89 -16.95 -17.31
C SER D 28 -23.25 -15.56 -17.35
N PRO D 29 -21.94 -15.47 -17.08
CA PRO D 29 -20.95 -16.46 -16.80
C PRO D 29 -20.92 -16.77 -15.28
N ILE D 30 -20.04 -17.69 -14.85
CA ILE D 30 -20.01 -18.12 -13.45
C ILE D 30 -18.58 -18.27 -13.00
N ASP D 31 -18.40 -18.35 -11.69
CA ASP D 31 -17.10 -18.75 -11.13
C ASP D 31 -17.03 -20.28 -11.05
N LEU D 32 -16.05 -20.83 -11.73
CA LEU D 32 -15.76 -22.30 -11.72
C LEU D 32 -14.83 -22.63 -10.55
N HIS D 33 -15.44 -23.18 -9.49
CA HIS D 33 -14.81 -23.47 -8.20
C HIS D 33 -15.28 -24.76 -7.55
N SER D 34 -14.43 -25.33 -6.68
CA SER D 34 -14.62 -26.69 -6.18
C SER D 34 -16.02 -26.99 -5.67
N ASP D 35 -16.63 -26.06 -4.91
CA ASP D 35 -17.94 -26.39 -4.28
C ASP D 35 -19.05 -26.72 -5.28
N ILE D 36 -18.91 -26.29 -6.55
CA ILE D 36 -19.96 -26.53 -7.56
C ILE D 36 -19.53 -27.55 -8.68
N LEU D 37 -18.33 -28.16 -8.57
CA LEU D 37 -17.79 -29.04 -9.62
C LEU D 37 -18.04 -30.54 -9.29
N GLN D 38 -18.44 -31.30 -10.31
CA GLN D 38 -18.57 -32.73 -10.16
C GLN D 38 -18.10 -33.43 -11.42
N TYR D 39 -17.21 -34.43 -11.25
CA TYR D 39 -16.72 -35.24 -12.38
C TYR D 39 -17.85 -36.03 -12.99
N ASP D 40 -17.98 -36.00 -14.32
CA ASP D 40 -19.01 -36.81 -15.01
C ASP D 40 -18.27 -37.67 -16.04
N ALA D 41 -18.12 -38.96 -15.69
CA ALA D 41 -17.43 -39.93 -16.53
C ALA D 41 -18.05 -40.15 -17.93
N SER D 42 -19.30 -39.69 -18.16
CA SER D 42 -20.02 -39.92 -19.45
C SER D 42 -19.75 -38.80 -20.50
N LEU D 43 -19.08 -37.73 -20.05
CA LEU D 43 -18.70 -36.62 -20.97
C LEU D 43 -17.67 -37.14 -21.95
N THR D 44 -17.91 -36.96 -23.25
CA THR D 44 -16.92 -37.44 -24.27
C THR D 44 -16.20 -36.30 -24.97
N PRO D 45 -15.11 -36.57 -25.67
CA PRO D 45 -14.49 -35.40 -26.25
C PRO D 45 -15.25 -34.90 -27.50
N LEU D 46 -15.33 -33.56 -27.66
CA LEU D 46 -15.96 -33.02 -28.86
C LEU D 46 -15.10 -33.29 -30.10
N GLU D 47 -15.75 -33.41 -31.23
CA GLU D 47 -15.03 -33.51 -32.49
C GLU D 47 -15.37 -32.25 -33.28
N PHE D 48 -14.34 -31.60 -33.85
CA PHE D 48 -14.51 -30.35 -34.61
C PHE D 48 -14.45 -30.65 -36.10
N GLN D 49 -15.55 -30.38 -36.79
CA GLN D 49 -15.73 -30.73 -38.21
C GLN D 49 -15.89 -29.49 -39.06
N GLY D 50 -15.12 -29.40 -40.15
CA GLY D 50 -15.36 -28.26 -41.03
C GLY D 50 -14.75 -26.97 -40.48
N TYR D 51 -13.94 -27.04 -39.41
CA TYR D 51 -13.25 -25.87 -38.80
C TYR D 51 -12.08 -25.37 -39.68
N ASN D 52 -11.55 -26.20 -40.57
CA ASN D 52 -10.51 -25.72 -41.53
C ASN D 52 -11.16 -24.98 -42.71
N LEU D 53 -11.53 -23.70 -42.51
CA LEU D 53 -12.27 -22.88 -43.50
C LEU D 53 -11.41 -22.63 -44.76
N SER D 54 -12.04 -22.76 -45.94
CA SER D 54 -11.28 -22.64 -47.20
C SER D 54 -10.63 -21.24 -47.29
N ALA D 55 -9.33 -21.25 -47.61
CA ALA D 55 -8.58 -20.01 -47.76
C ALA D 55 -9.08 -19.15 -48.94
N ASN D 56 -9.81 -19.80 -49.87
CA ASN D 56 -10.43 -19.16 -51.05
C ASN D 56 -11.83 -18.54 -50.84
N LYS D 57 -12.42 -18.84 -49.67
CA LYS D 57 -13.67 -18.22 -49.29
C LYS D 57 -13.34 -17.07 -48.32
N GLN D 58 -14.31 -16.19 -48.12
CA GLN D 58 -14.24 -14.98 -47.27
C GLN D 58 -15.30 -14.99 -46.18
N PHE D 59 -14.94 -14.43 -45.01
CA PHE D 59 -15.87 -14.41 -43.85
C PHE D 59 -15.99 -13.03 -43.24
N LEU D 60 -17.20 -12.61 -42.89
CA LEU D 60 -17.38 -11.20 -42.55
C LEU D 60 -16.95 -10.88 -41.10
N LEU D 61 -16.00 -9.98 -40.90
CA LEU D 61 -15.67 -9.47 -39.57
C LEU D 61 -16.48 -8.15 -39.31
N THR D 62 -17.17 -8.06 -38.16
CA THR D 62 -18.08 -6.89 -37.93
C THR D 62 -17.81 -6.35 -36.53
N ASN D 63 -17.79 -5.03 -36.35
CA ASN D 63 -17.84 -4.45 -34.99
C ASN D 63 -19.35 -4.19 -34.76
N ASN D 64 -19.95 -4.95 -33.86
CA ASN D 64 -21.43 -4.82 -33.61
C ASN D 64 -21.79 -3.77 -32.54
N GLY D 65 -20.78 -3.01 -32.11
CA GLY D 65 -20.98 -2.08 -30.96
C GLY D 65 -20.68 -2.68 -29.56
N HIS D 66 -20.55 -3.99 -29.44
CA HIS D 66 -20.38 -4.68 -28.15
C HIS D 66 -19.19 -5.60 -28.12
N SER D 67 -18.83 -6.09 -29.31
CA SER D 67 -17.61 -6.93 -29.44
C SER D 67 -17.16 -6.89 -30.90
N VAL D 68 -16.12 -7.65 -31.25
CA VAL D 68 -15.77 -7.88 -32.66
C VAL D 68 -16.16 -9.30 -32.96
N LYS D 69 -17.00 -9.48 -34.00
CA LYS D 69 -17.44 -10.82 -34.36
C LYS D 69 -17.00 -11.23 -35.78
N LEU D 70 -16.65 -12.52 -35.96
CA LEU D 70 -16.44 -13.10 -37.26
C LEU D 70 -17.62 -14.06 -37.54
N ASN D 71 -18.33 -13.83 -38.64
CA ASN D 71 -19.41 -14.77 -39.04
C ASN D 71 -18.76 -16.09 -39.46
N LEU D 72 -19.40 -17.20 -39.08
CA LEU D 72 -18.91 -18.55 -39.40
C LEU D 72 -19.96 -19.29 -40.21
N PRO D 73 -19.54 -20.24 -41.10
CA PRO D 73 -20.51 -20.92 -41.96
C PRO D 73 -21.23 -22.07 -41.23
N SER D 74 -22.45 -22.39 -41.66
CA SER D 74 -23.24 -23.51 -41.09
C SER D 74 -22.68 -24.91 -41.43
N ASP D 75 -21.71 -24.98 -42.35
CA ASP D 75 -21.03 -26.24 -42.62
C ASP D 75 -19.89 -26.61 -41.63
N MET D 76 -19.70 -25.76 -40.64
CA MET D 76 -18.76 -25.98 -39.57
C MET D 76 -19.65 -26.61 -38.40
N HIS D 77 -19.25 -27.76 -37.84
CA HIS D 77 -20.11 -28.45 -36.84
C HIS D 77 -19.33 -28.92 -35.62
N ILE D 78 -20.02 -29.14 -34.49
CA ILE D 78 -19.43 -29.98 -33.47
C ILE D 78 -20.23 -31.27 -33.34
N GLN D 79 -19.48 -32.34 -33.12
CA GLN D 79 -20.08 -33.62 -32.77
C GLN D 79 -19.66 -34.02 -31.35
N GLY D 80 -20.57 -34.68 -30.64
CA GLY D 80 -20.33 -35.09 -29.23
C GLY D 80 -21.37 -34.59 -28.21
N LEU D 81 -22.34 -33.80 -28.68
CA LEU D 81 -23.48 -33.42 -27.84
C LEU D 81 -24.65 -34.27 -28.32
N GLN D 82 -25.76 -34.23 -27.61
CA GLN D 82 -26.85 -35.11 -28.03
C GLN D 82 -27.46 -34.79 -29.41
N SER D 83 -27.51 -33.48 -29.74
CA SER D 83 -27.88 -33.05 -31.11
C SER D 83 -26.63 -32.52 -31.79
N ARG D 84 -26.66 -32.48 -33.12
CA ARG D 84 -25.57 -31.83 -33.91
C ARG D 84 -25.75 -30.31 -33.84
N TYR D 85 -24.64 -29.58 -33.63
CA TYR D 85 -24.67 -28.14 -33.61
C TYR D 85 -23.80 -27.57 -34.74
N SER D 86 -24.25 -26.48 -35.38
CA SER D 86 -23.47 -25.85 -36.48
C SER D 86 -23.08 -24.42 -36.10
N ALA D 87 -21.90 -23.97 -36.52
CA ALA D 87 -21.42 -22.62 -36.19
C ALA D 87 -22.28 -21.47 -36.75
N THR D 88 -22.27 -20.35 -36.02
CA THR D 88 -22.81 -19.07 -36.54
C THR D 88 -21.82 -17.85 -36.43
N GLN D 89 -21.05 -17.73 -35.34
CA GLN D 89 -20.08 -16.61 -35.18
C GLN D 89 -19.08 -16.94 -34.06
N LEU D 90 -17.94 -16.27 -34.04
CA LEU D 90 -17.03 -16.25 -32.89
C LEU D 90 -16.79 -14.74 -32.56
N HIS D 91 -16.36 -14.46 -31.33
CA HIS D 91 -16.16 -13.09 -30.86
C HIS D 91 -15.39 -13.14 -29.55
N LEU D 92 -15.00 -11.98 -29.00
CA LEU D 92 -14.12 -11.98 -27.79
C LEU D 92 -14.66 -11.06 -26.70
N HIS D 93 -14.13 -11.20 -25.49
CA HIS D 93 -14.42 -10.29 -24.37
C HIS D 93 -13.08 -9.99 -23.71
N TRP D 94 -12.93 -8.77 -23.22
CA TRP D 94 -11.66 -8.34 -22.61
C TRP D 94 -11.84 -7.18 -21.62
N GLY D 95 -10.74 -6.84 -20.95
CA GLY D 95 -10.77 -5.79 -19.90
C GLY D 95 -10.24 -4.48 -20.38
N ASN D 96 -9.16 -3.99 -19.78
CA ASN D 96 -8.61 -2.69 -20.21
C ASN D 96 -7.12 -2.55 -19.82
N PRO D 97 -6.41 -1.60 -20.41
CA PRO D 97 -4.94 -1.59 -20.16
C PRO D 97 -4.48 -1.47 -18.66
N ASN D 98 -5.26 -0.77 -17.83
CA ASN D 98 -4.97 -0.62 -16.37
C ASN D 98 -5.34 -1.89 -15.55
N ASP D 99 -6.25 -2.70 -16.11
CA ASP D 99 -6.76 -3.89 -15.44
C ASP D 99 -7.07 -4.98 -16.47
N PRO D 100 -6.00 -5.64 -17.01
CA PRO D 100 -6.09 -6.50 -18.21
C PRO D 100 -6.56 -7.91 -17.83
N HIS D 101 -7.75 -7.96 -17.20
CA HIS D 101 -8.26 -9.19 -16.64
C HIS D 101 -9.73 -9.29 -16.93
N GLY D 102 -10.10 -9.48 -18.21
CA GLY D 102 -11.47 -9.39 -18.63
C GLY D 102 -12.16 -10.61 -19.23
N SER D 103 -11.75 -11.81 -18.87
CA SER D 103 -12.54 -13.03 -19.16
C SER D 103 -13.91 -12.92 -18.50
N GLU D 104 -14.85 -13.65 -19.06
CA GLU D 104 -16.18 -13.78 -18.53
C GLU D 104 -16.17 -14.81 -17.43
N HIS D 105 -15.84 -16.08 -17.72
CA HIS D 105 -15.68 -17.08 -16.70
C HIS D 105 -14.46 -16.80 -15.90
N THR D 106 -14.57 -17.11 -14.61
CA THR D 106 -13.44 -17.21 -13.62
C THR D 106 -13.19 -18.62 -13.12
N VAL D 107 -11.98 -18.91 -12.68
CA VAL D 107 -11.64 -20.27 -12.19
C VAL D 107 -11.05 -20.04 -10.80
N SER D 108 -11.74 -20.55 -9.77
CA SER D 108 -11.34 -20.32 -8.36
C SER D 108 -11.10 -18.82 -8.09
N GLY D 109 -12.00 -18.00 -8.65
CA GLY D 109 -12.10 -16.59 -8.30
C GLY D 109 -11.23 -15.75 -9.24
N GLN D 110 -10.39 -16.39 -10.06
CA GLN D 110 -9.41 -15.67 -10.93
C GLN D 110 -9.90 -15.39 -12.34
N HIS D 111 -9.76 -14.13 -12.79
CA HIS D 111 -10.06 -13.77 -14.19
C HIS D 111 -8.86 -14.13 -15.01
N PHE D 112 -9.10 -14.47 -16.27
CA PHE D 112 -8.06 -14.47 -17.28
C PHE D 112 -8.09 -13.17 -18.06
N ALA D 113 -7.08 -12.99 -18.94
CA ALA D 113 -6.90 -11.70 -19.63
C ALA D 113 -8.10 -11.43 -20.57
N ALA D 114 -8.63 -12.51 -21.17
CA ALA D 114 -9.65 -12.37 -22.16
C ALA D 114 -10.28 -13.73 -22.42
N GLU D 115 -11.33 -13.73 -23.23
CA GLU D 115 -12.04 -14.98 -23.47
C GLU D 115 -12.59 -15.00 -24.91
N LEU D 116 -12.46 -16.15 -25.60
CA LEU D 116 -13.01 -16.36 -26.95
C LEU D 116 -14.30 -17.21 -26.84
N HIS D 117 -15.34 -16.89 -27.60
CA HIS D 117 -16.57 -17.71 -27.68
C HIS D 117 -16.81 -18.07 -29.11
N ILE D 118 -17.03 -19.37 -29.38
CA ILE D 118 -17.40 -19.87 -30.73
C ILE D 118 -18.84 -20.42 -30.56
N VAL D 119 -19.80 -19.73 -31.18
CA VAL D 119 -21.23 -19.97 -30.97
C VAL D 119 -21.78 -20.83 -32.06
N HIS D 120 -22.67 -21.77 -31.67
CA HIS D 120 -23.21 -22.76 -32.59
C HIS D 120 -24.66 -22.82 -32.24
N TYR D 121 -25.47 -23.24 -33.23
CA TYR D 121 -26.88 -23.44 -32.99
C TYR D 121 -27.25 -24.90 -33.28
N ASN D 122 -28.37 -25.34 -32.67
CA ASN D 122 -28.86 -26.71 -32.86
C ASN D 122 -29.53 -26.86 -34.24
N SER D 123 -28.75 -27.39 -35.21
CA SER D 123 -29.18 -27.53 -36.61
C SER D 123 -30.01 -28.82 -36.86
N ASP D 124 -30.13 -29.65 -35.86
CA ASP D 124 -31.00 -30.82 -35.95
C ASP D 124 -32.40 -30.29 -35.68
N LEU D 125 -32.53 -29.28 -34.83
CA LEU D 125 -33.90 -28.82 -34.44
C LEU D 125 -34.41 -27.58 -35.16
N TYR D 126 -33.49 -26.71 -35.55
CA TYR D 126 -33.81 -25.37 -35.96
C TYR D 126 -33.02 -25.06 -37.24
N PRO D 127 -33.63 -24.22 -38.10
CA PRO D 127 -33.13 -23.84 -39.43
C PRO D 127 -31.91 -22.91 -39.38
N ASP D 128 -31.86 -22.02 -38.37
CA ASP D 128 -30.80 -20.98 -38.28
C ASP D 128 -30.62 -20.50 -36.82
N ALA D 129 -29.55 -19.76 -36.56
CA ALA D 129 -29.29 -19.27 -35.18
C ALA D 129 -30.35 -18.30 -34.68
N SER D 130 -30.86 -17.41 -35.56
CA SER D 130 -31.96 -16.49 -35.19
C SER D 130 -33.19 -17.23 -34.63
N THR D 131 -33.60 -18.31 -35.31
CA THR D 131 -34.71 -19.14 -34.82
C THR D 131 -34.33 -19.85 -33.54
N ALA D 132 -33.10 -20.40 -33.48
CA ALA D 132 -32.67 -21.25 -32.35
C ALA D 132 -32.49 -20.51 -31.03
N SER D 133 -32.18 -19.22 -31.11
CA SER D 133 -31.56 -18.54 -29.97
C SER D 133 -32.46 -18.53 -28.74
N ASN D 134 -33.77 -18.32 -28.94
CA ASN D 134 -34.68 -18.22 -27.80
C ASN D 134 -35.53 -19.48 -27.59
N LYS D 135 -35.08 -20.61 -28.10
CA LYS D 135 -35.81 -21.85 -27.99
C LYS D 135 -35.01 -22.93 -27.22
N SER D 136 -35.74 -23.93 -26.69
CA SER D 136 -35.18 -25.09 -25.97
C SER D 136 -34.00 -25.72 -26.70
N GLU D 137 -32.90 -25.96 -25.96
CA GLU D 137 -31.71 -26.60 -26.53
C GLU D 137 -31.15 -25.84 -27.76
N GLY D 138 -31.38 -24.56 -27.86
CA GLY D 138 -31.06 -23.82 -29.13
C GLY D 138 -29.60 -23.59 -29.43
N LEU D 139 -28.79 -23.39 -28.38
CA LEU D 139 -27.35 -22.93 -28.60
C LEU D 139 -26.27 -23.72 -27.85
N ALA D 140 -25.05 -23.76 -28.40
CA ALA D 140 -23.89 -24.29 -27.69
C ALA D 140 -22.66 -23.42 -27.98
N VAL D 141 -22.00 -22.98 -26.92
CA VAL D 141 -20.82 -22.07 -27.06
C VAL D 141 -19.58 -22.73 -26.49
N LEU D 142 -18.49 -22.69 -27.26
CA LEU D 142 -17.22 -23.13 -26.74
C LEU D 142 -16.49 -21.87 -26.20
N ALA D 143 -15.88 -21.96 -25.03
CA ALA D 143 -15.17 -20.80 -24.44
C ALA D 143 -13.71 -21.14 -24.26
N VAL D 144 -12.80 -20.33 -24.81
CA VAL D 144 -11.38 -20.49 -24.62
C VAL D 144 -10.89 -19.35 -23.73
N LEU D 145 -10.21 -19.68 -22.62
CA LEU D 145 -9.60 -18.67 -21.73
C LEU D 145 -8.27 -18.23 -22.31
N ILE D 146 -7.95 -16.93 -22.21
CA ILE D 146 -6.72 -16.37 -22.89
C ILE D 146 -5.87 -15.72 -21.82
N GLU D 147 -4.57 -15.96 -21.80
CA GLU D 147 -3.68 -15.24 -20.85
C GLU D 147 -2.51 -14.65 -21.59
N MET D 148 -1.79 -13.74 -20.94
CA MET D 148 -0.58 -13.16 -21.53
C MET D 148 0.54 -14.18 -21.59
N GLY D 149 1.30 -14.16 -22.67
CA GLY D 149 2.32 -15.17 -22.84
C GLY D 149 3.00 -14.99 -24.16
N SER D 150 3.25 -16.08 -24.89
CA SER D 150 3.98 -15.87 -26.14
C SER D 150 3.10 -15.28 -27.31
N PHE D 151 3.72 -14.63 -28.29
CA PHE D 151 2.95 -14.23 -29.53
C PHE D 151 2.19 -15.39 -30.22
N ASN D 152 0.93 -15.14 -30.64
CA ASN D 152 0.07 -16.21 -31.22
C ASN D 152 -0.31 -15.89 -32.68
N PRO D 153 0.43 -16.48 -33.65
CA PRO D 153 0.12 -16.20 -35.05
C PRO D 153 -1.33 -16.49 -35.45
N SER D 154 -1.94 -17.51 -34.85
CA SER D 154 -3.32 -17.85 -35.18
C SER D 154 -4.35 -16.79 -34.75
N TYR D 155 -4.28 -16.32 -33.52
CA TYR D 155 -5.08 -15.16 -33.10
C TYR D 155 -4.79 -13.91 -33.94
N ASP D 156 -3.55 -13.76 -34.43
CA ASP D 156 -3.27 -12.67 -35.28
C ASP D 156 -4.06 -12.65 -36.60
N LYS D 157 -4.56 -13.80 -37.07
CA LYS D 157 -5.45 -13.91 -38.21
C LYS D 157 -6.79 -13.15 -38.07
N ILE D 158 -7.19 -12.85 -36.81
CA ILE D 158 -8.26 -11.91 -36.44
C ILE D 158 -7.66 -10.50 -36.15
N PHE D 159 -6.65 -10.41 -35.29
CA PHE D 159 -6.22 -9.13 -34.70
C PHE D 159 -5.57 -8.19 -35.74
N SER D 160 -4.97 -8.80 -36.76
CA SER D 160 -4.33 -8.03 -37.83
C SER D 160 -5.31 -7.19 -38.68
N HIS D 161 -6.64 -7.43 -38.54
CA HIS D 161 -7.64 -6.71 -39.34
C HIS D 161 -8.45 -5.69 -38.52
N LEU D 162 -8.10 -5.51 -37.27
CA LEU D 162 -8.94 -4.69 -36.37
C LEU D 162 -9.01 -3.23 -36.72
N GLN D 163 -7.97 -2.68 -37.32
CA GLN D 163 -8.02 -1.26 -37.70
C GLN D 163 -9.02 -0.92 -38.81
N HIS D 164 -9.61 -1.94 -39.44
CA HIS D 164 -10.66 -1.67 -40.40
C HIS D 164 -12.03 -1.86 -39.83
N VAL D 165 -12.13 -2.19 -38.57
CA VAL D 165 -13.49 -2.30 -37.94
C VAL D 165 -13.56 -1.52 -36.63
N LYS D 166 -12.89 -0.36 -36.61
CA LYS D 166 -12.75 0.45 -35.36
C LYS D 166 -14.06 0.93 -34.78
N TYR D 167 -15.05 1.28 -35.65
CA TYR D 167 -16.31 1.90 -35.16
C TYR D 167 -17.55 0.99 -35.38
N LYS D 168 -18.60 1.19 -34.57
CA LYS D 168 -19.86 0.39 -34.75
C LYS D 168 -20.39 0.30 -36.19
N GLY D 169 -20.77 -0.90 -36.64
CA GLY D 169 -21.33 -1.08 -37.97
C GLY D 169 -20.30 -1.27 -39.06
N GLN D 170 -19.02 -0.99 -38.78
CA GLN D 170 -17.96 -1.23 -39.78
C GLN D 170 -17.63 -2.74 -39.94
N GLU D 171 -17.24 -3.15 -41.16
CA GLU D 171 -17.14 -4.58 -41.53
C GLU D 171 -15.95 -4.73 -42.45
N ALA D 172 -15.39 -5.94 -42.50
CA ALA D 172 -14.28 -6.29 -43.38
C ALA D 172 -14.27 -7.81 -43.56
N PHE D 173 -14.04 -8.25 -44.79
CA PHE D 173 -14.04 -9.70 -45.11
C PHE D 173 -12.65 -10.22 -44.85
N VAL D 174 -12.56 -11.39 -44.20
CA VAL D 174 -11.30 -12.02 -43.75
C VAL D 174 -11.26 -13.30 -44.55
N PRO D 175 -10.10 -13.66 -45.16
CA PRO D 175 -10.03 -15.04 -45.74
C PRO D 175 -10.09 -16.21 -44.71
N GLY D 176 -10.64 -17.34 -45.14
CA GLY D 176 -10.71 -18.51 -44.28
C GLY D 176 -9.37 -18.92 -43.68
N PHE D 177 -9.41 -19.39 -42.44
CA PHE D 177 -8.30 -20.06 -41.82
C PHE D 177 -8.83 -21.18 -40.91
N ASN D 178 -7.92 -22.01 -40.39
CA ASN D 178 -8.33 -23.15 -39.55
C ASN D 178 -8.69 -22.64 -38.13
N ILE D 179 -9.98 -22.61 -37.83
N ILE D 179 -10.00 -22.62 -37.84
CA ILE D 179 -10.46 -22.19 -36.51
CA ILE D 179 -10.51 -22.17 -36.54
C ILE D 179 -9.88 -23.00 -35.35
C ILE D 179 -10.04 -23.03 -35.34
N GLU D 180 -9.62 -24.28 -35.59
CA GLU D 180 -9.15 -25.17 -34.54
C GLU D 180 -7.79 -24.73 -33.99
N GLU D 181 -7.07 -23.93 -34.77
CA GLU D 181 -5.80 -23.32 -34.29
C GLU D 181 -6.01 -22.33 -33.08
N LEU D 182 -7.23 -21.81 -32.89
CA LEU D 182 -7.56 -20.92 -31.73
C LEU D 182 -7.87 -21.72 -30.45
N LEU D 183 -7.93 -23.06 -30.59
CA LEU D 183 -8.28 -23.92 -29.43
C LEU D 183 -7.05 -24.30 -28.59
N PRO D 184 -7.24 -24.57 -27.28
CA PRO D 184 -6.07 -24.90 -26.51
C PRO D 184 -5.70 -26.36 -26.63
N GLU D 185 -4.63 -26.71 -25.92
CA GLU D 185 -4.21 -28.11 -25.71
C GLU D 185 -5.29 -28.93 -24.95
N ARG D 186 -5.31 -30.24 -25.26
CA ARG D 186 -6.10 -31.20 -24.52
C ARG D 186 -7.58 -30.72 -24.39
N THR D 187 -8.20 -30.43 -25.53
CA THR D 187 -9.62 -30.03 -25.52
C THR D 187 -10.55 -31.06 -24.86
N ALA D 188 -10.08 -32.34 -24.69
CA ALA D 188 -10.92 -33.34 -24.04
C ALA D 188 -11.24 -32.94 -22.58
N GLU D 189 -10.40 -32.11 -21.98
CA GLU D 189 -10.62 -31.64 -20.63
C GLU D 189 -11.37 -30.33 -20.57
N TYR D 190 -12.57 -30.37 -19.97
CA TYR D 190 -13.40 -29.17 -19.98
C TYR D 190 -14.41 -29.16 -18.81
N TYR D 191 -15.08 -28.00 -18.64
CA TYR D 191 -16.20 -27.79 -17.70
C TYR D 191 -17.45 -27.68 -18.54
N ARG D 192 -18.57 -28.29 -18.11
CA ARG D 192 -19.79 -28.23 -18.90
C ARG D 192 -20.97 -27.82 -17.99
N TYR D 193 -21.84 -26.90 -18.43
CA TYR D 193 -23.06 -26.58 -17.65
C TYR D 193 -24.10 -25.89 -18.55
N ARG D 194 -25.35 -25.89 -18.12
N ARG D 194 -25.36 -25.88 -18.08
CA ARG D 194 -26.33 -25.16 -18.85
CA ARG D 194 -26.51 -25.24 -18.70
C ARG D 194 -26.41 -23.75 -18.32
C ARG D 194 -26.53 -23.75 -18.30
N GLY D 195 -26.35 -22.84 -19.26
CA GLY D 195 -26.48 -21.40 -18.94
C GLY D 195 -27.16 -20.59 -20.03
N SER D 196 -26.71 -19.35 -20.18
CA SER D 196 -27.41 -18.34 -20.98
C SER D 196 -26.44 -17.60 -21.89
N LEU D 197 -26.95 -16.82 -22.86
CA LEU D 197 -26.11 -15.81 -23.51
C LEU D 197 -25.63 -14.84 -22.41
N THR D 198 -24.43 -14.28 -22.49
CA THR D 198 -23.95 -13.41 -21.43
C THR D 198 -24.17 -11.89 -21.75
N THR D 199 -24.88 -11.63 -22.85
CA THR D 199 -25.34 -10.28 -23.21
C THR D 199 -26.81 -10.33 -23.50
N PRO D 200 -27.51 -9.15 -23.50
CA PRO D 200 -28.93 -9.13 -23.94
C PRO D 200 -29.04 -9.81 -25.30
N PRO D 201 -30.11 -10.59 -25.54
CA PRO D 201 -31.23 -10.79 -24.62
C PRO D 201 -31.08 -11.80 -23.46
N CYS D 202 -29.86 -12.37 -23.26
CA CYS D 202 -29.54 -13.26 -22.11
C CYS D 202 -30.34 -14.58 -22.16
N ASN D 203 -30.73 -15.06 -23.36
CA ASN D 203 -31.66 -16.22 -23.41
C ASN D 203 -30.99 -17.42 -22.68
N PRO D 204 -31.77 -18.15 -21.86
CA PRO D 204 -31.20 -19.25 -21.01
C PRO D 204 -31.14 -20.55 -21.82
N THR D 205 -30.47 -20.48 -22.96
CA THR D 205 -30.55 -21.54 -23.98
C THR D 205 -29.24 -22.14 -24.36
N VAL D 206 -28.18 -21.84 -23.60
CA VAL D 206 -26.83 -22.21 -24.03
C VAL D 206 -26.25 -23.41 -23.26
N LEU D 207 -25.78 -24.41 -24.00
N LEU D 207 -25.84 -24.45 -23.96
CA LEU D 207 -24.92 -25.47 -23.41
CA LEU D 207 -24.93 -25.42 -23.34
C LEU D 207 -23.47 -24.98 -23.47
C LEU D 207 -23.54 -24.82 -23.47
N TRP D 208 -22.91 -24.57 -22.32
CA TRP D 208 -21.51 -24.10 -22.28
C TRP D 208 -20.52 -25.22 -22.14
N THR D 209 -19.41 -25.11 -22.90
CA THR D 209 -18.21 -25.91 -22.73
C THR D 209 -17.01 -24.89 -22.57
N VAL D 210 -16.44 -24.82 -21.37
CA VAL D 210 -15.20 -24.04 -21.12
C VAL D 210 -14.02 -24.98 -21.06
N PHE D 211 -13.03 -24.80 -21.95
CA PHE D 211 -11.90 -25.70 -21.88
C PHE D 211 -11.02 -25.43 -20.67
N ARG D 212 -10.46 -26.50 -20.13
CA ARG D 212 -9.66 -26.41 -18.92
C ARG D 212 -8.43 -25.55 -19.07
N ASN D 213 -7.76 -25.70 -20.20
CA ASN D 213 -6.44 -25.08 -20.39
C ASN D 213 -6.59 -23.79 -21.20
N PRO D 214 -5.79 -22.76 -20.87
CA PRO D 214 -5.80 -21.50 -21.54
C PRO D 214 -4.91 -21.49 -22.80
N VAL D 215 -5.14 -20.51 -23.67
CA VAL D 215 -4.16 -20.24 -24.75
C VAL D 215 -3.34 -18.99 -24.35
N GLN D 216 -2.20 -18.74 -25.00
CA GLN D 216 -1.41 -17.50 -24.75
C GLN D 216 -1.46 -16.54 -25.94
N ILE D 217 -1.59 -15.23 -25.71
CA ILE D 217 -1.33 -14.23 -26.75
C ILE D 217 -0.31 -13.24 -26.18
N SER D 218 0.47 -12.50 -26.98
CA SER D 218 1.49 -11.63 -26.38
C SER D 218 0.95 -10.38 -25.65
N GLN D 219 1.77 -9.75 -24.80
CA GLN D 219 1.38 -8.44 -24.22
C GLN D 219 0.91 -7.43 -25.32
N GLU D 220 1.61 -7.38 -26.45
CA GLU D 220 1.29 -6.44 -27.48
C GLU D 220 -0.03 -6.77 -28.17
N GLN D 221 -0.30 -8.05 -28.36
CA GLN D 221 -1.56 -8.49 -28.97
C GLN D 221 -2.70 -8.16 -28.04
N LEU D 222 -2.52 -8.37 -26.73
CA LEU D 222 -3.59 -8.07 -25.78
C LEU D 222 -3.93 -6.56 -25.76
N LEU D 223 -2.89 -5.74 -25.67
CA LEU D 223 -3.04 -4.31 -25.73
C LEU D 223 -3.70 -3.85 -27.04
N ALA D 224 -3.35 -4.45 -28.19
CA ALA D 224 -3.95 -4.06 -29.46
C ALA D 224 -5.43 -4.36 -29.37
N LEU D 225 -5.76 -5.48 -28.78
CA LEU D 225 -7.20 -5.87 -28.72
C LEU D 225 -7.96 -4.86 -27.82
N GLU D 226 -7.37 -4.51 -26.68
CA GLU D 226 -8.00 -3.58 -25.74
C GLU D 226 -8.11 -2.13 -26.25
N THR D 227 -7.28 -1.73 -27.22
CA THR D 227 -7.19 -0.34 -27.67
C THR D 227 -7.78 -0.04 -29.08
N ALA D 228 -8.16 -1.08 -29.84
CA ALA D 228 -8.51 -0.90 -31.28
C ALA D 228 -9.86 -0.25 -31.58
N LEU D 229 -10.84 -0.61 -30.74
CA LEU D 229 -12.23 -0.53 -31.11
C LEU D 229 -13.02 0.43 -30.18
N TYR D 230 -14.05 0.98 -30.74
CA TYR D 230 -15.02 1.85 -30.07
C TYR D 230 -16.40 1.24 -30.18
N CYS D 231 -17.24 1.46 -29.16
CA CYS D 231 -18.63 0.97 -29.13
C CYS D 231 -19.58 1.78 -29.98
N THR D 232 -19.10 2.95 -30.40
CA THR D 232 -19.95 3.98 -31.03
C THR D 232 -19.75 4.05 -32.56
N HIS D 233 -20.78 4.53 -33.30
CA HIS D 233 -20.69 4.82 -34.74
C HIS D 233 -19.65 5.87 -35.05
N MET D 234 -19.03 5.80 -36.22
CA MET D 234 -18.05 6.83 -36.63
C MET D 234 -18.56 8.32 -36.59
N ASP D 235 -19.87 8.53 -36.48
CA ASP D 235 -20.42 9.88 -36.37
C ASP D 235 -21.10 10.20 -35.02
N ASP D 236 -20.69 9.48 -33.97
CA ASP D 236 -21.24 9.73 -32.64
C ASP D 236 -20.47 10.92 -32.02
N PRO D 237 -21.22 11.99 -31.62
CA PRO D 237 -20.59 13.08 -30.87
C PRO D 237 -20.04 12.64 -29.50
N SER D 238 -20.46 11.50 -28.94
CA SER D 238 -19.91 11.07 -27.64
C SER D 238 -19.32 9.66 -27.73
N PRO D 239 -18.05 9.54 -28.21
CA PRO D 239 -17.42 8.20 -28.49
C PRO D 239 -17.05 7.48 -27.22
N ARG D 240 -17.23 6.15 -27.22
CA ARG D 240 -16.90 5.37 -26.06
C ARG D 240 -15.96 4.23 -26.56
N GLU D 241 -14.77 4.11 -25.97
CA GLU D 241 -13.85 2.97 -26.21
C GLU D 241 -14.46 1.66 -25.81
N MET D 242 -14.23 0.63 -26.65
CA MET D 242 -14.65 -0.75 -26.39
C MET D 242 -13.68 -1.48 -25.46
N ILE D 243 -13.95 -1.32 -24.16
CA ILE D 243 -13.20 -1.89 -23.06
C ILE D 243 -14.18 -2.50 -22.01
N ASN D 244 -13.67 -3.44 -21.20
CA ASN D 244 -14.45 -4.07 -20.12
C ASN D 244 -15.78 -4.60 -20.61
N ASN D 245 -15.75 -5.20 -21.80
CA ASN D 245 -16.96 -5.76 -22.42
C ASN D 245 -17.19 -7.24 -21.98
N PHE D 246 -17.17 -7.48 -20.65
CA PHE D 246 -17.43 -8.76 -20.04
C PHE D 246 -18.54 -8.55 -18.97
N ARG D 247 -19.43 -9.54 -18.84
CA ARG D 247 -20.37 -9.51 -17.73
C ARG D 247 -19.76 -10.01 -16.38
N GLN D 248 -20.18 -9.40 -15.27
CA GLN D 248 -19.88 -9.99 -13.93
C GLN D 248 -20.45 -11.43 -13.76
N VAL D 249 -19.73 -12.26 -13.00
CA VAL D 249 -20.14 -13.61 -12.71
C VAL D 249 -21.46 -13.58 -11.91
N GLN D 250 -22.27 -14.60 -12.14
CA GLN D 250 -23.62 -14.71 -11.62
C GLN D 250 -23.72 -15.70 -10.45
N LYS D 251 -24.75 -15.52 -9.60
CA LYS D 251 -25.08 -16.50 -8.57
C LYS D 251 -25.24 -17.84 -9.26
N PHE D 252 -24.72 -18.90 -8.62
CA PHE D 252 -24.88 -20.26 -9.14
C PHE D 252 -25.05 -21.17 -7.97
N ASP D 253 -26.28 -21.63 -7.71
CA ASP D 253 -26.71 -22.06 -6.37
C ASP D 253 -27.61 -23.25 -6.53
N GLU D 254 -27.34 -24.32 -5.77
CA GLU D 254 -28.00 -25.63 -5.93
C GLU D 254 -28.01 -26.15 -7.38
N ARG D 255 -27.02 -25.68 -8.14
CA ARG D 255 -26.85 -25.95 -9.56
C ARG D 255 -25.40 -26.41 -9.71
N LEU D 256 -25.10 -27.11 -10.80
CA LEU D 256 -23.81 -27.84 -10.90
C LEU D 256 -23.10 -27.78 -12.29
N VAL D 257 -21.77 -27.71 -12.23
CA VAL D 257 -20.94 -27.75 -13.40
C VAL D 257 -20.26 -29.12 -13.40
N TYR D 258 -20.26 -29.78 -14.56
CA TYR D 258 -19.66 -31.11 -14.66
C TYR D 258 -18.32 -31.04 -15.33
N THR D 259 -17.32 -31.79 -14.83
CA THR D 259 -16.01 -31.77 -15.47
C THR D 259 -15.74 -33.08 -16.15
N SER D 260 -14.95 -33.04 -17.23
CA SER D 260 -14.63 -34.26 -17.97
C SER D 260 -13.35 -34.88 -17.41
N PHE D 261 -12.82 -34.30 -16.33
CA PHE D 261 -11.52 -34.66 -15.75
C PHE D 261 -11.72 -34.82 -14.23
N SER D 262 -11.19 -35.88 -13.63
CA SER D 262 -11.46 -36.10 -12.22
C SER D 262 -10.38 -35.36 -11.43
N GLN D 263 -9.32 -34.97 -12.13
CA GLN D 263 -8.15 -34.42 -11.46
C GLN D 263 -7.35 -33.76 -12.55
#